data_6XGX
#
_entry.id   6XGX
#
_cell.length_a   114.570
_cell.length_b   114.570
_cell.length_c   232.620
_cell.angle_alpha   90.000
_cell.angle_beta   90.000
_cell.angle_gamma   120.000
#
_symmetry.space_group_name_H-M   'P 31 2 1'
#
loop_
_entity.id
_entity.type
_entity.pdbx_description
1 polymer 'Mutator family transposase'
2 polymer 'DNA (47-MER)'
3 polymer 'DNA (25-MER)'
4 polymer 'DNA (21-MER)'
#
loop_
_entity_poly.entity_id
_entity_poly.type
_entity_poly.pdbx_seq_one_letter_code
_entity_poly.pdbx_strand_id
1 'polypeptide(L)'
;GSAMARKRIITPEKKELIRNLISEYNITSAKDLQEALKDLLGDTIQNMLEAELDEHLGYEKYESTEEAKSNYRNGYTSKT
LKSSVGQVEIDIPRDRNAEFEPKIVPRYKRDISEIENKIIAMYARGMSTREINEQIQEIYGFEVSAEMVSKITDKILPEI
EEWQKRPLGEVYPIVFIDAIHFSVKNDGIVGKKAVYIVLAIDIEGQKDVIGIYVGENESSKFWLSVLNDLKNRGVKDILI
LCADALSGIKDAINAAFPNTEYQRCIVHQIRNTLKYVSDKDRKEFARDLKRIYTAPNEKAGYDQMLEVSEKWEKKYPAAM
KSWKSNWDVICPFFKYSEELRKIMYTTNTIESLNSSYRRINKSRTVFPGDQSLLKSIYLATVKITSKWTMRYKNWGLILG
QLQIMFEGRI
;
A,B
2 'polydeoxyribonucleotide'
;(DG)(DT)(DT)(DT)(DA)(DC)(DA)(DC)(DA)(DA)(DA)(DA)(DA)(DT)(DA)(DT)(DT)(DT)(DA)(DC)
(DA)(DC)(DT)(DG)(DC)(DC)(DG)(DT)(DT)(DT)(DT)(DC)(DG)(DA)(DG)(DA)(DT)(DT)(DG)(DT)
(DA)(DA)(DA)(DA)(DT)(DA)(DT)
;
D
3 'polydeoxyribonucleotide'
;(DG)(DC)(DA)(DG)(DT)(DG)(DT)(DA)(DA)(DA)(DT)(DA)(DT)(DT)(DT)(DT)(DT)(DG)(DT)(DG)
(DT)(DA)(DA)(DA)(DC)
;
E
4 'polydeoxyribonucleotide'
;(DA)(DT)(DA)(DT)(DT)(DT)(DT)(DA)(DC)(DA)(DA)(DT)(DC)(DT)(DC)(DG)(DA)(DA)(DA)(DA)
(DC)
;
F
#
# COMPACT_ATOMS: atom_id res chain seq x y z
N ILE A 9 37.11 4.26 3.79
CA ILE A 9 38.20 5.04 3.23
C ILE A 9 39.54 4.36 3.31
N ILE A 10 39.92 3.66 2.24
CA ILE A 10 41.19 2.94 2.17
C ILE A 10 42.08 3.46 1.05
N THR A 11 41.61 4.38 0.23
CA THR A 11 42.40 4.92 -0.87
C THR A 11 43.11 6.18 -0.42
N PRO A 12 44.45 6.23 -0.44
CA PRO A 12 45.12 7.47 -0.03
C PRO A 12 44.91 8.61 -1.00
N GLU A 13 44.84 8.31 -2.31
CA GLU A 13 44.56 9.35 -3.29
C GLU A 13 43.19 9.98 -3.03
N LYS A 14 42.16 9.15 -2.89
CA LYS A 14 40.82 9.66 -2.62
C LYS A 14 40.73 10.30 -1.25
N LYS A 15 41.55 9.87 -0.29
CA LYS A 15 41.54 10.50 1.02
C LYS A 15 42.13 11.90 0.96
N GLU A 16 43.23 12.07 0.22
CA GLU A 16 43.77 13.41 -0.01
C GLU A 16 42.78 14.27 -0.78
N LEU A 17 42.05 13.66 -1.72
CA LEU A 17 41.01 14.40 -2.44
C LEU A 17 39.90 14.85 -1.49
N ILE A 18 39.50 13.98 -0.56
CA ILE A 18 38.47 14.33 0.41
C ILE A 18 38.95 15.47 1.32
N ARG A 19 40.23 15.43 1.71
CA ARG A 19 40.76 16.50 2.55
C ARG A 19 40.81 17.82 1.78
N ASN A 20 41.25 17.78 0.52
CA ASN A 20 41.24 18.97 -0.32
C ASN A 20 39.81 19.49 -0.48
N LEU A 21 38.83 18.60 -0.55
CA LEU A 21 37.44 19.01 -0.70
C LEU A 21 36.93 19.69 0.56
N ILE A 22 37.18 19.09 1.73
CA ILE A 22 36.65 19.65 2.97
C ILE A 22 37.34 20.98 3.30
N SER A 23 38.63 21.10 3.00
CA SER A 23 39.33 22.35 3.24
C SER A 23 39.13 23.36 2.10
N GLU A 24 38.55 22.94 0.98
CA GLU A 24 38.39 23.78 -0.20
C GLU A 24 36.96 24.25 -0.40
N TYR A 25 35.97 23.41 -0.10
CA TYR A 25 34.57 23.77 -0.26
C TYR A 25 33.93 24.26 1.04
N ASN A 26 34.74 24.84 1.93
CA ASN A 26 34.31 25.47 3.17
C ASN A 26 33.23 24.66 3.90
N ILE A 27 33.59 23.43 4.26
CA ILE A 27 32.71 22.61 5.08
C ILE A 27 32.70 23.16 6.50
N THR A 28 31.51 23.58 6.97
CA THR A 28 31.39 24.26 8.24
C THR A 28 30.63 23.44 9.28
N SER A 29 29.39 23.04 8.98
CA SER A 29 28.56 22.36 9.97
C SER A 29 27.60 21.42 9.26
N ALA A 30 26.57 20.98 9.99
CA ALA A 30 25.61 20.02 9.43
C ALA A 30 24.64 20.70 8.46
N LYS A 31 24.30 21.96 8.70
CA LYS A 31 23.44 22.68 7.77
C LYS A 31 24.15 23.00 6.47
N ASP A 32 25.48 23.04 6.47
CA ASP A 32 26.25 23.47 5.31
C ASP A 32 26.67 22.31 4.41
N LEU A 33 26.72 21.08 4.93
CA LEU A 33 27.27 19.97 4.16
C LEU A 33 26.37 19.59 2.98
N GLN A 34 25.05 19.67 3.15
CA GLN A 34 24.15 19.35 2.06
C GLN A 34 24.23 20.38 0.94
N GLU A 35 24.24 21.67 1.32
CA GLU A 35 24.42 22.73 0.33
C GLU A 35 25.77 22.60 -0.36
N ALA A 36 26.79 22.17 0.37
CA ALA A 36 28.11 21.99 -0.21
C ALA A 36 28.13 20.85 -1.21
N LEU A 37 27.44 19.75 -0.89
CA LEU A 37 27.34 18.64 -1.84
C LEU A 37 26.56 19.07 -3.09
N LYS A 38 25.50 19.85 -2.91
CA LYS A 38 24.74 20.35 -4.05
C LYS A 38 25.61 21.22 -4.95
N ASP A 39 26.33 22.19 -4.36
CA ASP A 39 27.19 23.05 -5.14
C ASP A 39 28.37 22.28 -5.74
N LEU A 40 28.81 21.21 -5.08
CA LEU A 40 29.87 20.36 -5.62
C LEU A 40 29.40 19.67 -6.89
N LEU A 41 28.22 19.06 -6.84
CA LEU A 41 27.63 18.46 -8.04
C LEU A 41 27.46 19.51 -9.13
N GLY A 42 26.99 20.71 -8.77
CA GLY A 42 26.81 21.75 -9.76
C GLY A 42 28.12 22.15 -10.43
N ASP A 43 29.17 22.34 -9.63
CA ASP A 43 30.46 22.75 -10.18
C ASP A 43 31.10 21.63 -11.01
N THR A 44 30.91 20.38 -10.61
CA THR A 44 31.41 19.27 -11.41
C THR A 44 30.72 19.22 -12.77
N ILE A 45 29.39 19.40 -12.78
CA ILE A 45 28.65 19.43 -14.03
C ILE A 45 29.10 20.63 -14.87
N GLN A 46 29.39 21.76 -14.22
CA GLN A 46 29.87 22.94 -14.93
C GLN A 46 31.21 22.67 -15.60
N ASN A 47 32.15 22.06 -14.87
CA ASN A 47 33.45 21.75 -15.44
C ASN A 47 33.33 20.77 -16.59
N MET A 48 32.49 19.74 -16.43
CA MET A 48 32.31 18.78 -17.50
C MET A 48 31.69 19.43 -18.74
N LEU A 49 30.72 20.32 -18.54
CA LEU A 49 30.10 21.01 -19.67
C LEU A 49 31.06 21.94 -20.36
N GLU A 50 31.91 22.63 -19.59
CA GLU A 50 32.92 23.50 -20.19
C GLU A 50 33.92 22.68 -21.00
N ALA A 51 34.33 21.52 -20.48
CA ALA A 51 35.22 20.65 -21.23
C ALA A 51 34.57 20.16 -22.52
N GLU A 52 33.30 19.77 -22.44
CA GLU A 52 32.60 19.30 -23.64
C GLU A 52 32.46 20.42 -24.67
N LEU A 53 32.20 21.64 -24.21
CA LEU A 53 32.08 22.77 -25.14
C LEU A 53 33.42 23.08 -25.80
N ASP A 54 34.50 23.09 -25.02
CA ASP A 54 35.82 23.36 -25.59
C ASP A 54 36.27 22.24 -26.51
N GLU A 55 35.78 21.02 -26.29
CA GLU A 55 36.14 19.92 -27.18
C GLU A 55 35.30 19.90 -28.45
N HIS A 56 34.04 20.34 -28.37
CA HIS A 56 33.18 20.32 -29.55
C HIS A 56 33.42 21.54 -30.43
N LEU A 57 33.24 22.74 -29.88
CA LEU A 57 33.42 23.94 -30.69
C LEU A 57 34.88 24.18 -31.05
N GLY A 58 35.80 23.74 -30.19
CA GLY A 58 37.22 23.87 -30.42
C GLY A 58 37.83 25.18 -29.98
N TYR A 59 37.10 26.28 -30.14
CA TYR A 59 37.61 27.59 -29.74
C TYR A 59 37.73 27.66 -28.22
N GLU A 60 38.94 27.95 -27.74
CA GLU A 60 39.17 28.07 -26.30
C GLU A 60 38.62 29.41 -25.81
N LYS A 61 38.85 29.72 -24.54
CA LYS A 61 38.38 30.98 -23.96
C LYS A 61 39.35 32.09 -24.35
N TYR A 62 38.95 32.90 -25.34
CA TYR A 62 39.74 34.01 -25.85
C TYR A 62 41.11 33.51 -26.35
N GLU A 63 41.06 32.67 -27.37
CA GLU A 63 42.26 32.14 -28.01
C GLU A 63 42.32 32.64 -29.45
N SER A 64 43.50 33.08 -29.87
CA SER A 64 43.69 33.63 -31.20
C SER A 64 43.54 32.51 -32.23
N THR A 65 42.43 32.52 -32.95
CA THR A 65 42.20 31.51 -33.98
C THR A 65 43.17 31.67 -35.14
N GLU A 66 43.57 30.54 -35.71
CA GLU A 66 44.51 30.56 -36.83
C GLU A 66 43.85 31.01 -38.12
N GLU A 67 42.60 30.60 -38.35
CA GLU A 67 41.86 30.96 -39.54
C GLU A 67 40.73 31.92 -39.19
N ALA A 68 40.26 32.66 -40.19
CA ALA A 68 39.18 33.61 -40.03
C ALA A 68 37.85 32.86 -40.17
N LYS A 69 37.12 32.75 -39.08
CA LYS A 69 35.84 32.05 -39.04
C LYS A 69 34.72 33.04 -38.79
N SER A 70 33.51 32.68 -39.23
CA SER A 70 32.34 33.52 -39.06
C SER A 70 31.50 33.15 -37.83
N ASN A 71 31.75 31.98 -37.25
CA ASN A 71 31.01 31.52 -36.08
C ASN A 71 31.70 31.95 -34.79
N TYR A 72 30.92 32.08 -33.74
CA TYR A 72 31.39 32.58 -32.45
C TYR A 72 30.73 31.75 -31.35
N ARG A 73 30.83 32.22 -30.12
CA ARG A 73 30.16 31.58 -28.99
C ARG A 73 29.68 32.65 -28.03
N ASN A 74 28.38 32.70 -27.80
CA ASN A 74 27.80 33.64 -26.85
C ASN A 74 26.44 33.13 -26.41
N GLY A 75 26.06 33.48 -25.19
CA GLY A 75 24.76 33.08 -24.68
C GLY A 75 24.74 33.11 -23.17
N TYR A 76 23.54 32.86 -22.64
CA TYR A 76 23.32 32.83 -21.20
C TYR A 76 22.05 32.03 -20.92
N THR A 77 22.17 30.99 -20.11
CA THR A 77 21.00 30.20 -19.72
C THR A 77 21.20 29.71 -18.29
N SER A 78 20.09 29.38 -17.65
CA SER A 78 20.09 28.89 -16.27
C SER A 78 19.24 27.63 -16.22
N LYS A 79 19.86 26.48 -15.98
CA LYS A 79 19.19 25.19 -15.91
C LYS A 79 19.12 24.77 -14.45
N THR A 80 17.94 24.87 -13.85
CA THR A 80 17.73 24.50 -12.45
C THR A 80 17.47 23.01 -12.38
N LEU A 81 18.55 22.24 -12.28
CA LEU A 81 18.45 20.78 -12.28
C LEU A 81 18.05 20.27 -10.89
N LYS A 82 17.70 18.98 -10.85
CA LYS A 82 17.42 18.29 -9.60
C LYS A 82 17.93 16.87 -9.71
N SER A 83 18.50 16.36 -8.62
CA SER A 83 19.09 15.03 -8.61
C SER A 83 18.88 14.41 -7.23
N SER A 84 19.65 13.36 -6.95
CA SER A 84 19.49 12.64 -5.70
C SER A 84 19.80 13.49 -4.48
N VAL A 85 20.65 14.51 -4.64
CA VAL A 85 20.96 15.40 -3.53
C VAL A 85 19.88 16.47 -3.34
N GLY A 86 19.02 16.68 -4.33
CA GLY A 86 17.97 17.68 -4.30
C GLY A 86 18.08 18.61 -5.47
N GLN A 87 17.24 19.65 -5.48
CA GLN A 87 17.29 20.63 -6.54
C GLN A 87 18.60 21.40 -6.51
N VAL A 88 19.25 21.53 -7.66
CA VAL A 88 20.54 22.20 -7.78
C VAL A 88 20.43 23.22 -8.91
N GLU A 89 20.71 24.48 -8.60
CA GLU A 89 20.73 25.52 -9.61
C GLU A 89 22.11 25.58 -10.27
N ILE A 90 22.11 25.77 -11.59
CA ILE A 90 23.35 25.80 -12.36
C ILE A 90 23.11 26.62 -13.61
N ASP A 91 24.19 27.08 -14.24
CA ASP A 91 24.10 27.94 -15.41
C ASP A 91 25.34 27.76 -16.28
N ILE A 92 25.13 27.52 -17.56
CA ILE A 92 26.23 27.32 -18.51
C ILE A 92 25.84 27.92 -19.87
N PRO A 93 26.64 28.81 -20.43
CA PRO A 93 26.28 29.43 -21.72
C PRO A 93 26.34 28.44 -22.86
N ARG A 94 25.81 28.86 -24.00
CA ARG A 94 25.79 28.07 -25.22
C ARG A 94 26.59 28.78 -26.32
N ASP A 95 26.67 28.14 -27.48
CA ASP A 95 27.40 28.72 -28.60
C ASP A 95 26.53 29.75 -29.32
N ARG A 96 27.15 30.49 -30.23
CA ARG A 96 26.45 31.57 -30.91
C ARG A 96 25.41 31.05 -31.90
N ASN A 97 25.82 30.18 -32.81
CA ASN A 97 24.94 29.71 -33.88
C ASN A 97 23.95 28.63 -33.40
N ALA A 98 23.80 28.46 -32.09
CA ALA A 98 22.83 27.53 -31.52
C ALA A 98 23.07 26.10 -32.00
N GLU A 99 24.34 25.70 -32.07
CA GLU A 99 24.73 24.34 -32.46
C GLU A 99 25.63 23.78 -31.36
N PHE A 100 25.01 23.26 -30.30
CA PHE A 100 25.77 22.62 -29.23
C PHE A 100 24.80 21.72 -28.46
N GLU A 101 25.01 20.42 -28.53
CA GLU A 101 24.18 19.45 -27.82
C GLU A 101 24.98 18.84 -26.68
N PRO A 102 24.78 19.27 -25.44
CA PRO A 102 25.52 18.67 -24.32
C PRO A 102 25.17 17.21 -24.16
N LYS A 103 26.21 16.38 -24.00
CA LYS A 103 26.03 14.94 -23.89
C LYS A 103 25.87 14.47 -22.45
N ILE A 104 26.44 15.19 -21.48
CA ILE A 104 26.26 14.79 -20.09
C ILE A 104 24.84 15.09 -19.62
N VAL A 105 24.25 16.19 -20.10
CA VAL A 105 22.86 16.53 -19.82
C VAL A 105 22.20 16.88 -21.15
N PRO A 106 21.11 16.19 -21.55
CA PRO A 106 20.48 16.49 -22.84
C PRO A 106 19.93 17.91 -22.94
N ARG A 107 19.42 18.28 -24.12
CA ARG A 107 19.00 19.65 -24.35
C ARG A 107 17.76 20.04 -23.56
N TYR A 108 17.00 19.07 -23.04
CA TYR A 108 15.81 19.40 -22.28
C TYR A 108 15.60 18.50 -21.06
N LYS A 109 16.57 17.67 -20.70
CA LYS A 109 16.41 16.77 -19.57
C LYS A 109 16.78 17.49 -18.28
N ARG A 110 16.00 17.23 -17.23
CA ARG A 110 16.16 17.90 -15.94
C ARG A 110 16.22 16.94 -14.76
N ASP A 111 16.20 15.63 -14.99
CA ASP A 111 16.07 14.68 -13.89
C ASP A 111 17.17 13.63 -13.94
N ILE A 112 17.04 12.60 -13.09
CA ILE A 112 18.01 11.50 -13.02
C ILE A 112 17.24 10.22 -13.33
N SER A 113 17.65 9.54 -14.40
CA SER A 113 16.98 8.31 -14.82
C SER A 113 17.27 7.13 -13.91
N GLU A 114 18.19 7.28 -12.96
CA GLU A 114 18.49 6.20 -12.03
C GLU A 114 17.32 5.90 -11.10
N ILE A 115 16.36 6.82 -10.98
CA ILE A 115 15.22 6.65 -10.09
C ILE A 115 13.94 6.32 -10.84
N GLU A 116 13.96 6.33 -12.17
CA GLU A 116 12.77 6.00 -12.96
C GLU A 116 12.36 4.54 -12.72
N ASN A 117 13.33 3.64 -12.68
CA ASN A 117 13.04 2.24 -12.39
C ASN A 117 12.47 2.07 -10.99
N LYS A 118 12.96 2.87 -10.03
CA LYS A 118 12.42 2.80 -8.69
C LYS A 118 10.99 3.32 -8.63
N ILE A 119 10.70 4.35 -9.42
CA ILE A 119 9.31 4.84 -9.54
C ILE A 119 8.42 3.74 -10.10
N ILE A 120 8.89 3.03 -11.12
CA ILE A 120 8.13 1.92 -11.68
C ILE A 120 7.90 0.85 -10.62
N ALA A 121 8.93 0.53 -9.84
CA ALA A 121 8.80 -0.49 -8.80
C ALA A 121 7.81 -0.05 -7.73
N MET A 122 7.81 1.24 -7.37
CA MET A 122 6.88 1.75 -6.38
C MET A 122 5.44 1.67 -6.89
N TYR A 123 5.24 1.98 -8.18
CA TYR A 123 3.91 1.83 -8.76
C TYR A 123 3.48 0.37 -8.79
N ALA A 124 4.43 -0.54 -9.04
CA ALA A 124 4.08 -1.96 -9.15
C ALA A 124 3.75 -2.57 -7.79
N ARG A 125 4.50 -2.20 -6.75
CA ARG A 125 4.33 -2.81 -5.43
C ARG A 125 2.99 -2.46 -4.78
N GLY A 126 2.27 -1.46 -5.29
CA GLY A 126 0.95 -1.16 -4.76
C GLY A 126 0.69 0.30 -4.51
N MET A 127 1.75 1.11 -4.42
CA MET A 127 1.58 2.52 -4.13
C MET A 127 0.88 3.24 -5.30
N SER A 128 0.08 4.23 -4.95
CA SER A 128 -0.67 5.02 -5.92
C SER A 128 0.21 6.13 -6.50
N THR A 129 -0.30 6.75 -7.57
CA THR A 129 0.45 7.81 -8.23
C THR A 129 0.68 9.00 -7.29
N ARG A 130 -0.36 9.40 -6.57
CA ARG A 130 -0.21 10.52 -5.64
C ARG A 130 0.61 10.14 -4.41
N GLU A 131 0.54 8.87 -3.99
CA GLU A 131 1.39 8.41 -2.89
C GLU A 131 2.87 8.44 -3.29
N ILE A 132 3.17 8.06 -4.53
CA ILE A 132 4.53 8.17 -5.02
C ILE A 132 4.99 9.62 -5.04
N ASN A 133 4.08 10.53 -5.45
CA ASN A 133 4.39 11.95 -5.42
C ASN A 133 4.72 12.42 -4.01
N GLU A 134 3.89 12.04 -3.05
CA GLU A 134 4.12 12.42 -1.66
C GLU A 134 5.47 11.89 -1.16
N GLN A 135 5.76 10.62 -1.43
CA GLN A 135 7.00 10.03 -0.95
C GLN A 135 8.22 10.70 -1.59
N ILE A 136 8.17 10.95 -2.90
CA ILE A 136 9.29 11.59 -3.58
C ILE A 136 9.50 13.00 -3.04
N GLN A 137 8.41 13.74 -2.82
CA GLN A 137 8.54 15.07 -2.25
C GLN A 137 9.10 15.02 -0.84
N GLU A 138 8.78 13.96 -0.09
CA GLU A 138 9.23 13.89 1.30
C GLU A 138 10.70 13.54 1.39
N ILE A 139 11.16 12.56 0.62
CA ILE A 139 12.50 12.01 0.83
C ILE A 139 13.51 12.59 -0.15
N TYR A 140 13.06 12.98 -1.34
CA TYR A 140 13.96 13.47 -2.38
C TYR A 140 13.91 14.98 -2.56
N GLY A 141 13.06 15.68 -1.83
CA GLY A 141 13.02 17.14 -1.90
C GLY A 141 12.26 17.74 -3.07
N PHE A 142 12.56 17.31 -4.29
CA PHE A 142 11.85 17.83 -5.45
C PHE A 142 10.50 17.14 -5.60
N GLU A 143 9.62 17.76 -6.39
CA GLU A 143 8.27 17.29 -6.59
C GLU A 143 8.13 16.60 -7.94
N VAL A 144 7.43 15.47 -7.94
CA VAL A 144 7.14 14.71 -9.16
C VAL A 144 5.64 14.44 -9.18
N SER A 145 4.95 14.98 -10.18
CA SER A 145 3.49 14.92 -10.20
C SER A 145 3.03 13.48 -10.46
N ALA A 146 1.73 13.26 -10.21
CA ALA A 146 1.14 11.96 -10.47
C ALA A 146 1.10 11.65 -11.96
N GLU A 147 0.89 12.68 -12.79
CA GLU A 147 0.94 12.48 -14.24
C GLU A 147 2.35 12.13 -14.71
N MET A 148 3.38 12.60 -13.99
CA MET A 148 4.74 12.14 -14.28
C MET A 148 4.89 10.67 -13.99
N VAL A 149 4.27 10.19 -12.89
CA VAL A 149 4.27 8.75 -12.62
C VAL A 149 3.55 7.99 -13.71
N SER A 150 2.45 8.57 -14.22
CA SER A 150 1.70 7.92 -15.30
C SER A 150 2.54 7.84 -16.57
N LYS A 151 3.27 8.90 -16.90
CA LYS A 151 4.15 8.87 -18.06
C LYS A 151 5.28 7.84 -17.87
N ILE A 152 5.89 7.82 -16.69
CA ILE A 152 6.95 6.86 -16.40
C ILE A 152 6.44 5.44 -16.58
N THR A 153 5.23 5.16 -16.08
CA THR A 153 4.68 3.81 -16.19
C THR A 153 4.17 3.50 -17.60
N ASP A 154 3.81 4.53 -18.38
CA ASP A 154 3.48 4.30 -19.78
C ASP A 154 4.72 3.99 -20.60
N LYS A 155 5.88 4.44 -20.14
CA LYS A 155 7.13 4.24 -20.89
C LYS A 155 7.56 2.78 -20.97
N ILE A 156 6.77 1.86 -20.40
CA ILE A 156 7.09 0.44 -20.46
C ILE A 156 5.96 -0.37 -21.10
N LEU A 157 5.15 0.26 -21.94
CA LEU A 157 4.10 -0.45 -22.67
C LEU A 157 4.66 -1.40 -23.73
N PRO A 158 5.68 -1.01 -24.52
CA PRO A 158 6.27 -1.98 -25.45
C PRO A 158 6.85 -3.20 -24.75
N GLU A 159 7.35 -3.04 -23.53
CA GLU A 159 7.82 -4.19 -22.78
C GLU A 159 6.68 -5.17 -22.50
N ILE A 160 5.49 -4.65 -22.18
CA ILE A 160 4.34 -5.51 -21.94
C ILE A 160 3.91 -6.18 -23.25
N GLU A 161 3.87 -5.41 -24.34
CA GLU A 161 3.51 -5.98 -25.64
C GLU A 161 4.48 -7.07 -26.07
N GLU A 162 5.75 -6.94 -25.70
CA GLU A 162 6.73 -7.98 -26.00
C GLU A 162 6.56 -9.18 -25.08
N TRP A 163 6.27 -8.94 -23.80
CA TRP A 163 6.09 -10.03 -22.85
C TRP A 163 4.90 -10.90 -23.23
N GLN A 164 3.80 -10.29 -23.65
CA GLN A 164 2.59 -11.06 -23.96
C GLN A 164 2.70 -11.83 -25.27
N LYS A 165 3.84 -11.79 -25.94
CA LYS A 165 4.03 -12.54 -27.19
C LYS A 165 5.39 -13.22 -27.19
N ARG A 166 5.71 -13.91 -26.09
CA ARG A 166 6.97 -14.61 -25.92
C ARG A 166 6.85 -16.05 -26.37
N PRO A 167 7.97 -16.72 -26.66
CA PRO A 167 7.91 -18.13 -27.07
C PRO A 167 7.57 -19.03 -25.89
N LEU A 168 6.57 -19.88 -26.08
CA LEU A 168 6.13 -20.81 -25.05
C LEU A 168 6.74 -22.19 -25.30
N GLY A 169 6.30 -23.17 -24.51
CA GLY A 169 6.76 -24.54 -24.65
C GLY A 169 6.01 -25.26 -25.75
N GLU A 170 5.99 -26.59 -25.64
CA GLU A 170 5.32 -27.44 -26.61
C GLU A 170 4.06 -28.07 -26.05
N VAL A 171 4.18 -28.78 -24.93
CA VAL A 171 3.04 -29.43 -24.28
C VAL A 171 3.03 -29.01 -22.82
N TYR A 172 1.90 -28.44 -22.37
CA TYR A 172 1.75 -28.10 -20.96
C TYR A 172 0.84 -29.11 -20.29
N PRO A 173 1.27 -29.73 -19.18
CA PRO A 173 0.43 -30.72 -18.51
C PRO A 173 -0.83 -30.12 -17.90
N ILE A 174 -0.69 -29.06 -17.10
CA ILE A 174 -1.82 -28.45 -16.40
C ILE A 174 -1.80 -26.95 -16.64
N VAL A 175 -2.96 -26.39 -16.99
CA VAL A 175 -3.11 -24.95 -17.17
C VAL A 175 -4.45 -24.54 -16.57
N PHE A 176 -4.43 -23.54 -15.70
CA PHE A 176 -5.62 -22.96 -15.10
C PHE A 176 -5.95 -21.63 -15.77
N ILE A 177 -7.24 -21.30 -15.77
CA ILE A 177 -7.73 -20.01 -16.23
C ILE A 177 -8.50 -19.41 -15.05
N ASP A 178 -8.12 -18.20 -14.65
CA ASP A 178 -8.71 -17.53 -13.51
C ASP A 178 -9.24 -16.17 -13.92
N ALA A 179 -10.47 -15.86 -13.52
CA ALA A 179 -11.09 -14.58 -13.83
C ALA A 179 -11.12 -13.73 -12.57
N ILE A 180 -10.73 -12.46 -12.70
CA ILE A 180 -10.82 -11.51 -11.60
C ILE A 180 -11.44 -10.23 -12.13
N HIS A 181 -12.39 -9.69 -11.39
CA HIS A 181 -13.15 -8.53 -11.84
C HIS A 181 -12.63 -7.26 -11.20
N PHE A 182 -12.65 -6.17 -11.98
CA PHE A 182 -12.25 -4.85 -11.51
C PHE A 182 -13.20 -3.83 -12.11
N SER A 183 -13.05 -2.58 -11.67
CA SER A 183 -13.89 -1.49 -12.11
C SER A 183 -13.08 -0.58 -13.04
N VAL A 184 -13.54 -0.42 -14.27
CA VAL A 184 -12.83 0.36 -15.28
C VAL A 184 -13.83 1.22 -16.02
N LYS A 185 -13.34 2.33 -16.57
CA LYS A 185 -14.16 3.22 -17.36
C LYS A 185 -14.06 2.84 -18.83
N ASN A 186 -15.22 2.68 -19.48
CA ASN A 186 -15.31 2.35 -20.90
C ASN A 186 -16.48 3.11 -21.48
N ASP A 187 -16.27 3.73 -22.64
CA ASP A 187 -17.30 4.50 -23.34
C ASP A 187 -17.91 5.57 -22.43
N GLY A 188 -17.12 6.09 -21.50
CA GLY A 188 -17.56 7.13 -20.59
C GLY A 188 -18.39 6.67 -19.41
N ILE A 189 -18.49 5.37 -19.16
CA ILE A 189 -19.22 4.85 -18.01
C ILE A 189 -18.33 3.84 -17.29
N VAL A 190 -18.39 3.86 -15.96
CA VAL A 190 -17.62 2.93 -15.14
C VAL A 190 -18.42 1.64 -15.00
N GLY A 191 -17.78 0.52 -15.34
CA GLY A 191 -18.39 -0.79 -15.24
C GLY A 191 -17.43 -1.78 -14.61
N LYS A 192 -17.95 -3.00 -14.42
CA LYS A 192 -17.17 -4.07 -13.83
C LYS A 192 -16.79 -5.03 -14.94
N LYS A 193 -15.51 -5.08 -15.26
CA LYS A 193 -14.96 -5.91 -16.32
C LYS A 193 -14.03 -6.96 -15.73
N ALA A 194 -14.05 -8.14 -16.33
CA ALA A 194 -13.26 -9.27 -15.87
C ALA A 194 -12.01 -9.43 -16.72
N VAL A 195 -10.86 -9.49 -16.06
CA VAL A 195 -9.59 -9.77 -16.68
C VAL A 195 -9.22 -11.21 -16.36
N TYR A 196 -8.77 -11.95 -17.37
CA TYR A 196 -8.48 -13.36 -17.27
C TYR A 196 -6.98 -13.60 -17.28
N ILE A 197 -6.53 -14.48 -16.38
CA ILE A 197 -5.12 -14.80 -16.22
C ILE A 197 -4.96 -16.29 -16.45
N VAL A 198 -4.03 -16.65 -17.35
CA VAL A 198 -3.74 -18.04 -17.69
C VAL A 198 -2.46 -18.43 -16.98
N LEU A 199 -2.52 -19.48 -16.16
CA LEU A 199 -1.37 -19.91 -15.37
C LEU A 199 -1.12 -21.39 -15.66
N ALA A 200 0.01 -21.69 -16.29
CA ALA A 200 0.32 -23.05 -16.70
C ALA A 200 1.54 -23.58 -15.95
N ILE A 201 1.64 -24.90 -15.92
CA ILE A 201 2.78 -25.61 -15.35
C ILE A 201 3.60 -26.18 -16.50
N ASP A 202 4.91 -25.96 -16.46
CA ASP A 202 5.78 -26.44 -17.52
C ASP A 202 6.15 -27.91 -17.29
N ILE A 203 6.68 -28.54 -18.33
CA ILE A 203 7.10 -29.94 -18.21
C ILE A 203 8.35 -30.04 -17.35
N GLU A 204 9.10 -28.96 -17.19
CA GLU A 204 10.24 -28.93 -16.29
C GLU A 204 9.83 -28.91 -14.83
N GLY A 205 8.55 -28.73 -14.53
CA GLY A 205 8.07 -28.59 -13.18
C GLY A 205 7.95 -27.17 -12.71
N GLN A 206 8.24 -26.20 -13.57
CA GLN A 206 8.16 -24.79 -13.22
C GLN A 206 6.74 -24.26 -13.39
N LYS A 207 6.49 -23.10 -12.79
CA LYS A 207 5.18 -22.46 -12.80
C LYS A 207 5.35 -21.02 -13.25
N ASP A 208 4.59 -20.62 -14.28
CA ASP A 208 4.70 -19.26 -14.78
C ASP A 208 3.43 -18.91 -15.54
N VAL A 209 3.07 -17.63 -15.49
CA VAL A 209 1.89 -17.13 -16.19
C VAL A 209 2.15 -17.11 -17.69
N ILE A 210 1.15 -17.51 -18.46
CA ILE A 210 1.25 -17.54 -19.92
C ILE A 210 0.86 -16.19 -20.49
N GLY A 211 -0.35 -15.73 -20.17
CA GLY A 211 -0.83 -14.48 -20.73
C GLY A 211 -1.97 -13.89 -19.92
N ILE A 212 -2.32 -12.65 -20.28
CA ILE A 212 -3.39 -11.90 -19.64
C ILE A 212 -4.27 -11.31 -20.73
N TYR A 213 -5.59 -11.32 -20.50
CA TYR A 213 -6.53 -10.84 -21.50
C TYR A 213 -7.68 -10.12 -20.83
N VAL A 214 -7.96 -8.90 -21.31
CA VAL A 214 -9.01 -8.04 -20.76
C VAL A 214 -10.04 -7.75 -21.86
N GLY A 215 -11.30 -7.61 -21.47
CA GLY A 215 -12.33 -7.18 -22.39
C GLY A 215 -13.00 -8.31 -23.13
N GLU A 216 -13.84 -7.92 -24.09
CA GLU A 216 -14.58 -8.85 -24.95
C GLU A 216 -15.47 -9.77 -24.11
N ASN A 217 -16.20 -9.16 -23.18
CA ASN A 217 -17.01 -9.84 -22.17
C ASN A 217 -17.76 -11.05 -22.70
N GLU A 218 -17.49 -12.19 -22.07
CA GLU A 218 -18.22 -13.46 -22.25
C GLU A 218 -18.54 -13.75 -23.71
N SER A 219 -17.49 -13.91 -24.52
CA SER A 219 -17.64 -14.26 -25.92
C SER A 219 -16.97 -15.60 -26.19
N SER A 220 -17.66 -16.47 -26.93
CA SER A 220 -17.07 -17.75 -27.32
C SER A 220 -15.91 -17.54 -28.27
N LYS A 221 -16.03 -16.57 -29.18
CA LYS A 221 -14.95 -16.27 -30.12
C LYS A 221 -13.70 -15.80 -29.39
N PHE A 222 -13.86 -14.91 -28.42
CA PHE A 222 -12.73 -14.37 -27.67
C PHE A 222 -11.87 -15.46 -27.08
N TRP A 223 -12.51 -16.46 -26.46
CA TRP A 223 -11.76 -17.57 -25.90
C TRP A 223 -10.93 -18.26 -26.98
N LEU A 224 -11.54 -18.53 -28.13
CA LEU A 224 -10.78 -19.11 -29.24
C LEU A 224 -9.61 -18.22 -29.62
N SER A 225 -9.84 -16.90 -29.66
CA SER A 225 -8.76 -15.98 -29.98
C SER A 225 -7.63 -16.09 -28.97
N VAL A 226 -7.98 -16.33 -27.70
CA VAL A 226 -6.96 -16.60 -26.70
C VAL A 226 -6.27 -17.92 -27.01
N LEU A 227 -7.06 -18.98 -27.23
CA LEU A 227 -6.48 -20.30 -27.47
C LEU A 227 -5.62 -20.30 -28.72
N ASN A 228 -6.12 -19.69 -29.80
CA ASN A 228 -5.33 -19.59 -31.02
C ASN A 228 -4.05 -18.79 -30.76
N ASP A 229 -4.13 -17.76 -29.92
CA ASP A 229 -2.93 -17.02 -29.55
C ASP A 229 -1.95 -17.95 -28.85
N LEU A 230 -2.45 -18.80 -27.95
CA LEU A 230 -1.59 -19.79 -27.32
C LEU A 230 -0.93 -20.67 -28.39
N LYS A 231 -1.69 -21.03 -29.43
CA LYS A 231 -1.12 -21.76 -30.55
C LYS A 231 -0.08 -20.92 -31.29
N ASN A 232 -0.37 -19.63 -31.51
CA ASN A 232 0.56 -18.80 -32.25
C ASN A 232 1.87 -18.58 -31.49
N ARG A 233 1.82 -18.56 -30.16
CA ARG A 233 3.03 -18.51 -29.36
C ARG A 233 3.75 -19.86 -29.30
N GLY A 234 3.20 -20.88 -29.93
CA GLY A 234 3.87 -22.16 -30.08
C GLY A 234 3.39 -23.29 -29.19
N VAL A 235 2.11 -23.31 -28.81
CA VAL A 235 1.56 -24.38 -28.01
C VAL A 235 0.90 -25.38 -28.93
N LYS A 236 1.11 -26.67 -28.66
CA LYS A 236 0.58 -27.74 -29.50
C LYS A 236 -0.43 -28.63 -28.79
N ASP A 237 -0.20 -28.97 -27.53
CA ASP A 237 -1.05 -29.92 -26.83
C ASP A 237 -1.20 -29.51 -25.37
N ILE A 238 -2.45 -29.48 -24.90
CA ILE A 238 -2.77 -29.26 -23.50
C ILE A 238 -3.48 -30.50 -22.99
N LEU A 239 -3.00 -31.05 -21.87
CA LEU A 239 -3.64 -32.25 -21.32
C LEU A 239 -4.77 -31.91 -20.34
N ILE A 240 -4.51 -31.04 -19.38
CA ILE A 240 -5.49 -30.71 -18.35
C ILE A 240 -5.77 -29.21 -18.40
N LEU A 241 -7.06 -28.84 -18.35
CA LEU A 241 -7.49 -27.46 -18.35
C LEU A 241 -8.52 -27.27 -17.23
N CYS A 242 -8.13 -26.55 -16.18
CA CYS A 242 -9.01 -26.26 -15.06
C CYS A 242 -9.51 -24.82 -15.17
N ALA A 243 -10.82 -24.66 -15.24
CA ALA A 243 -11.42 -23.35 -15.44
C ALA A 243 -12.84 -23.37 -14.89
N ASP A 244 -13.24 -22.29 -14.24
CA ASP A 244 -14.62 -22.16 -13.80
C ASP A 244 -15.55 -22.14 -15.00
N ALA A 245 -16.81 -22.47 -14.75
CA ALA A 245 -17.80 -22.49 -15.83
C ALA A 245 -17.97 -21.09 -16.40
N LEU A 246 -17.53 -20.91 -17.64
CA LEU A 246 -17.63 -19.63 -18.34
C LEU A 246 -18.40 -19.83 -19.64
N SER A 247 -18.54 -18.74 -20.40
CA SER A 247 -19.42 -18.74 -21.56
C SER A 247 -18.90 -19.64 -22.67
N GLY A 248 -17.73 -19.30 -23.22
CA GLY A 248 -17.23 -19.98 -24.40
C GLY A 248 -15.99 -20.81 -24.24
N ILE A 249 -15.54 -21.10 -23.01
CA ILE A 249 -14.36 -21.94 -22.84
C ILE A 249 -14.66 -23.36 -23.31
N LYS A 250 -15.65 -24.00 -22.70
CA LYS A 250 -15.95 -25.40 -22.98
C LYS A 250 -16.27 -25.61 -24.45
N ASP A 251 -16.88 -24.62 -25.10
CA ASP A 251 -17.12 -24.70 -26.54
C ASP A 251 -15.83 -24.58 -27.33
N ALA A 252 -15.01 -23.56 -27.00
CA ALA A 252 -13.81 -23.29 -27.78
C ALA A 252 -12.69 -24.28 -27.53
N ILE A 253 -12.63 -24.88 -26.34
CA ILE A 253 -11.55 -25.82 -26.04
C ILE A 253 -11.61 -27.02 -26.98
N ASN A 254 -12.81 -27.47 -27.34
CA ASN A 254 -12.94 -28.54 -28.31
C ASN A 254 -12.66 -28.08 -29.73
N ALA A 255 -12.80 -26.79 -30.01
CA ALA A 255 -12.54 -26.28 -31.35
C ALA A 255 -11.04 -26.11 -31.62
N ALA A 256 -10.26 -25.76 -30.60
CA ALA A 256 -8.83 -25.52 -30.74
C ALA A 256 -8.00 -26.74 -30.37
N PHE A 257 -8.27 -27.35 -29.21
CA PHE A 257 -7.53 -28.50 -28.72
C PHE A 257 -8.53 -29.59 -28.35
N PRO A 258 -9.01 -30.36 -29.34
CA PRO A 258 -10.02 -31.38 -29.04
C PRO A 258 -9.53 -32.49 -28.13
N ASN A 259 -8.22 -32.76 -28.11
CA ASN A 259 -7.67 -33.79 -27.24
C ASN A 259 -7.52 -33.33 -25.80
N THR A 260 -7.67 -32.03 -25.52
CA THR A 260 -7.55 -31.52 -24.17
C THR A 260 -8.76 -31.94 -23.33
N GLU A 261 -8.51 -32.77 -22.31
CA GLU A 261 -9.55 -33.11 -21.36
C GLU A 261 -9.79 -31.94 -20.42
N TYR A 262 -11.05 -31.53 -20.30
CA TYR A 262 -11.40 -30.32 -19.56
C TYR A 262 -12.09 -30.68 -18.24
N GLN A 263 -11.67 -30.02 -17.17
CA GLN A 263 -12.23 -30.22 -15.85
C GLN A 263 -12.53 -28.85 -15.25
N ARG A 264 -13.61 -28.78 -14.46
CA ARG A 264 -13.95 -27.51 -13.82
C ARG A 264 -12.99 -27.23 -12.67
N CYS A 265 -12.57 -25.98 -12.56
CA CYS A 265 -11.52 -25.62 -11.62
C CYS A 265 -11.97 -25.89 -10.18
N ILE A 266 -11.18 -26.68 -9.47
CA ILE A 266 -11.54 -27.09 -8.12
C ILE A 266 -11.15 -26.04 -7.09
N VAL A 267 -10.11 -25.25 -7.36
CA VAL A 267 -9.66 -24.25 -6.39
C VAL A 267 -10.72 -23.17 -6.20
N HIS A 268 -11.46 -22.83 -7.24
CA HIS A 268 -12.56 -21.88 -7.08
C HIS A 268 -13.78 -22.53 -6.44
N GLN A 269 -13.99 -23.82 -6.66
CA GLN A 269 -15.14 -24.50 -6.07
C GLN A 269 -15.03 -24.55 -4.55
N ILE A 270 -13.85 -24.88 -4.03
CA ILE A 270 -13.67 -24.95 -2.58
C ILE A 270 -13.74 -23.56 -1.96
N ARG A 271 -13.28 -22.54 -2.69
CA ARG A 271 -13.30 -21.18 -2.15
C ARG A 271 -14.69 -20.58 -2.23
N ASN A 272 -15.43 -20.84 -3.32
CA ASN A 272 -16.75 -20.24 -3.49
C ASN A 272 -17.79 -20.87 -2.57
N THR A 273 -17.58 -22.10 -2.10
CA THR A 273 -18.56 -22.71 -1.21
C THR A 273 -18.36 -22.27 0.24
N LEU A 274 -17.13 -21.92 0.62
CA LEU A 274 -16.87 -21.39 1.95
C LEU A 274 -17.34 -19.95 2.13
N LYS A 275 -17.83 -19.31 1.05
CA LYS A 275 -18.40 -17.98 1.19
C LYS A 275 -19.69 -18.00 1.99
N TYR A 276 -20.39 -19.14 2.00
CA TYR A 276 -21.66 -19.24 2.70
C TYR A 276 -21.47 -19.54 4.18
N VAL A 277 -20.37 -20.20 4.55
CA VAL A 277 -20.15 -20.54 5.95
C VAL A 277 -19.62 -19.33 6.71
N SER A 278 -19.76 -19.37 8.03
CA SER A 278 -19.37 -18.27 8.89
C SER A 278 -17.85 -18.20 9.03
N ASP A 279 -17.39 -17.14 9.71
CA ASP A 279 -15.97 -16.95 9.95
C ASP A 279 -15.45 -17.85 11.08
N LYS A 280 -16.34 -18.48 11.83
CA LYS A 280 -15.95 -19.38 12.91
C LYS A 280 -16.02 -20.85 12.50
N ASP A 281 -16.96 -21.21 11.64
CA ASP A 281 -17.10 -22.59 11.16
C ASP A 281 -16.35 -22.81 9.84
N ARG A 282 -15.10 -22.34 9.77
CA ARG A 282 -14.30 -22.51 8.56
C ARG A 282 -13.24 -23.60 8.68
N LYS A 283 -12.68 -23.81 9.88
CA LYS A 283 -11.66 -24.85 10.04
C LYS A 283 -12.27 -26.25 9.89
N GLU A 284 -13.36 -26.50 10.59
CA GLU A 284 -14.00 -27.82 10.51
C GLU A 284 -14.64 -28.04 9.14
N PHE A 285 -15.35 -27.04 8.62
CA PHE A 285 -16.03 -27.19 7.33
C PHE A 285 -15.04 -27.49 6.22
N ALA A 286 -13.86 -26.88 6.26
CA ALA A 286 -12.83 -27.20 5.27
C ALA A 286 -12.33 -28.62 5.46
N ARG A 287 -12.11 -29.04 6.71
CA ARG A 287 -11.58 -30.38 6.97
C ARG A 287 -12.46 -31.45 6.35
N ASP A 288 -13.76 -31.41 6.64
CA ASP A 288 -14.68 -32.35 6.02
C ASP A 288 -14.65 -32.19 4.51
N LEU A 289 -14.65 -30.94 4.03
CA LEU A 289 -14.57 -30.71 2.59
C LEU A 289 -13.28 -31.27 2.02
N LYS A 290 -12.20 -31.23 2.80
CA LYS A 290 -10.94 -31.82 2.34
C LYS A 290 -11.10 -33.31 2.07
N ARG A 291 -11.87 -34.01 2.89
CA ARG A 291 -12.12 -35.43 2.66
C ARG A 291 -13.04 -35.67 1.48
N ILE A 292 -13.69 -34.63 0.95
CA ILE A 292 -14.58 -34.81 -0.20
C ILE A 292 -13.78 -35.11 -1.46
N TYR A 293 -12.66 -34.42 -1.66
CA TYR A 293 -11.88 -34.56 -2.89
C TYR A 293 -10.64 -35.41 -2.72
N THR A 294 -10.28 -35.80 -1.50
CA THR A 294 -9.18 -36.71 -1.26
C THR A 294 -9.65 -38.17 -1.20
N ALA A 295 -10.89 -38.43 -1.61
CA ALA A 295 -11.38 -39.79 -1.62
C ALA A 295 -10.69 -40.59 -2.72
N PRO A 296 -10.50 -41.90 -2.51
CA PRO A 296 -9.79 -42.70 -3.53
C PRO A 296 -10.53 -42.79 -4.86
N ASN A 297 -11.85 -42.93 -4.83
CA ASN A 297 -12.66 -43.09 -6.03
C ASN A 297 -13.76 -42.03 -6.06
N GLU A 298 -14.55 -42.05 -7.14
CA GLU A 298 -15.63 -41.09 -7.29
C GLU A 298 -16.82 -41.45 -6.41
N LYS A 299 -17.06 -42.74 -6.17
CA LYS A 299 -18.19 -43.13 -5.33
C LYS A 299 -17.95 -42.75 -3.88
N ALA A 300 -16.72 -42.92 -3.40
CA ALA A 300 -16.38 -42.48 -2.04
C ALA A 300 -16.50 -40.97 -1.91
N GLY A 301 -16.09 -40.23 -2.95
CA GLY A 301 -16.26 -38.78 -2.93
C GLY A 301 -17.72 -38.37 -2.91
N TYR A 302 -18.55 -39.05 -3.70
CA TYR A 302 -19.99 -38.75 -3.71
C TYR A 302 -20.61 -39.06 -2.35
N ASP A 303 -20.18 -40.15 -1.70
CA ASP A 303 -20.72 -40.49 -0.39
C ASP A 303 -20.30 -39.46 0.65
N GLN A 304 -19.04 -39.04 0.62
CA GLN A 304 -18.60 -37.98 1.52
C GLN A 304 -19.35 -36.68 1.25
N MET A 305 -19.66 -36.41 -0.02
CA MET A 305 -20.45 -35.24 -0.37
C MET A 305 -21.84 -35.31 0.26
N LEU A 306 -22.50 -36.46 0.13
CA LEU A 306 -23.81 -36.63 0.76
C LEU A 306 -23.72 -36.47 2.27
N GLU A 307 -22.69 -37.03 2.89
CA GLU A 307 -22.57 -36.96 4.34
C GLU A 307 -22.37 -35.52 4.81
N VAL A 308 -21.46 -34.78 4.17
CA VAL A 308 -21.21 -33.41 4.61
C VAL A 308 -22.40 -32.51 4.29
N SER A 309 -23.10 -32.79 3.18
CA SER A 309 -24.30 -32.02 2.86
C SER A 309 -25.37 -32.23 3.93
N GLU A 310 -25.64 -33.49 4.29
CA GLU A 310 -26.63 -33.73 5.33
C GLU A 310 -26.19 -33.19 6.68
N LYS A 311 -24.89 -33.11 6.93
CA LYS A 311 -24.42 -32.60 8.22
C LYS A 311 -24.55 -31.08 8.32
N TRP A 312 -24.26 -30.35 7.24
CA TRP A 312 -24.26 -28.89 7.28
C TRP A 312 -25.44 -28.25 6.56
N GLU A 313 -26.45 -29.03 6.17
CA GLU A 313 -27.64 -28.44 5.58
C GLU A 313 -28.53 -27.75 6.62
N LYS A 314 -28.33 -28.04 7.91
CA LYS A 314 -29.17 -27.44 8.94
C LYS A 314 -28.84 -25.96 9.11
N LYS A 315 -27.57 -25.60 8.98
CA LYS A 315 -27.12 -24.23 9.16
C LYS A 315 -26.89 -23.50 7.84
N TYR A 316 -26.23 -24.16 6.89
CA TYR A 316 -25.92 -23.58 5.57
C TYR A 316 -26.53 -24.47 4.50
N PRO A 317 -27.79 -24.25 4.14
CA PRO A 317 -28.44 -25.13 3.16
C PRO A 317 -27.97 -24.90 1.73
N ALA A 318 -27.67 -23.66 1.35
CA ALA A 318 -27.29 -23.31 -0.01
C ALA A 318 -25.81 -23.51 -0.30
N ALA A 319 -25.08 -24.15 0.61
CA ALA A 319 -23.64 -24.35 0.40
C ALA A 319 -23.37 -25.53 -0.53
N MET A 320 -23.99 -26.67 -0.27
CA MET A 320 -23.76 -27.88 -1.05
C MET A 320 -24.64 -27.98 -2.29
N LYS A 321 -25.52 -27.00 -2.53
CA LYS A 321 -26.34 -27.05 -3.73
C LYS A 321 -25.49 -26.92 -4.99
N SER A 322 -24.47 -26.06 -4.95
CA SER A 322 -23.57 -25.94 -6.10
C SER A 322 -22.82 -27.24 -6.36
N TRP A 323 -22.39 -27.91 -5.29
CA TRP A 323 -21.71 -29.19 -5.45
C TRP A 323 -22.65 -30.23 -6.06
N LYS A 324 -23.88 -30.33 -5.54
CA LYS A 324 -24.82 -31.28 -6.09
C LYS A 324 -25.19 -30.96 -7.53
N SER A 325 -25.19 -29.67 -7.90
CA SER A 325 -25.58 -29.29 -9.25
C SER A 325 -24.45 -29.52 -10.26
N ASN A 326 -23.20 -29.31 -9.84
CA ASN A 326 -22.06 -29.41 -10.75
C ASN A 326 -21.22 -30.65 -10.52
N TRP A 327 -21.70 -31.60 -9.72
CA TRP A 327 -20.90 -32.80 -9.47
C TRP A 327 -20.63 -33.56 -10.75
N ASP A 328 -21.51 -33.43 -11.75
CA ASP A 328 -21.31 -34.15 -13.01
C ASP A 328 -20.03 -33.66 -13.68
N VAL A 329 -19.70 -32.39 -13.51
CA VAL A 329 -18.47 -31.86 -14.08
C VAL A 329 -17.31 -32.05 -13.09
N ILE A 330 -17.61 -32.15 -11.80
CA ILE A 330 -16.56 -32.42 -10.81
C ILE A 330 -16.07 -33.86 -10.93
N CYS A 331 -16.84 -34.74 -11.58
CA CYS A 331 -16.46 -36.16 -11.64
C CYS A 331 -15.09 -36.41 -12.24
N PRO A 332 -14.67 -35.77 -13.34
CA PRO A 332 -13.39 -36.14 -13.96
C PRO A 332 -12.16 -35.70 -13.16
N PHE A 333 -12.33 -35.34 -11.89
CA PHE A 333 -11.17 -34.99 -11.06
C PHE A 333 -10.62 -36.19 -10.29
N PHE A 334 -11.41 -37.24 -10.12
CA PHE A 334 -10.94 -38.42 -9.39
C PHE A 334 -10.12 -39.36 -10.26
N LYS A 335 -9.82 -38.97 -11.50
CA LYS A 335 -8.95 -39.77 -12.36
C LYS A 335 -7.48 -39.55 -12.01
N TYR A 336 -7.10 -38.32 -11.73
CA TYR A 336 -5.71 -37.98 -11.45
C TYR A 336 -5.30 -38.54 -10.09
N SER A 337 -3.98 -38.74 -9.94
CA SER A 337 -3.44 -39.30 -8.72
C SER A 337 -3.49 -38.28 -7.58
N GLU A 338 -3.21 -38.77 -6.37
CA GLU A 338 -3.24 -37.90 -5.19
C GLU A 338 -2.13 -36.86 -5.25
N GLU A 339 -0.91 -37.29 -5.61
CA GLU A 339 0.22 -36.37 -5.71
C GLU A 339 0.01 -35.32 -6.78
N LEU A 340 -0.82 -35.61 -7.80
CA LEU A 340 -1.11 -34.63 -8.84
C LEU A 340 -2.34 -33.79 -8.52
N ARG A 341 -3.36 -34.42 -7.92
CA ARG A 341 -4.54 -33.64 -7.55
C ARG A 341 -4.22 -32.64 -6.45
N LYS A 342 -3.30 -32.99 -5.55
CA LYS A 342 -2.86 -32.05 -4.52
C LYS A 342 -2.29 -30.80 -5.17
N ILE A 343 -1.43 -30.97 -6.17
CA ILE A 343 -0.93 -29.83 -6.94
C ILE A 343 -2.08 -29.14 -7.66
N MET A 344 -3.14 -29.88 -7.99
CA MET A 344 -4.27 -29.28 -8.70
C MET A 344 -5.09 -28.36 -7.80
N TYR A 345 -5.41 -28.82 -6.58
CA TYR A 345 -6.30 -28.08 -5.69
C TYR A 345 -5.60 -27.23 -4.65
N THR A 346 -4.27 -27.16 -4.67
CA THR A 346 -3.57 -26.40 -3.63
C THR A 346 -3.84 -24.91 -3.78
N THR A 347 -3.95 -24.23 -2.62
CA THR A 347 -4.36 -22.83 -2.61
C THR A 347 -3.28 -21.91 -3.14
N ASN A 348 -2.01 -22.24 -2.93
CA ASN A 348 -0.92 -21.37 -3.37
C ASN A 348 -0.81 -21.28 -4.89
N THR A 349 -1.46 -22.19 -5.63
CA THR A 349 -1.37 -22.15 -7.09
C THR A 349 -2.19 -21.03 -7.71
N ILE A 350 -3.41 -20.79 -7.19
CA ILE A 350 -4.32 -19.82 -7.76
C ILE A 350 -4.68 -18.72 -6.76
N GLU A 351 -5.02 -19.10 -5.53
CA GLU A 351 -5.50 -18.13 -4.56
C GLU A 351 -4.43 -17.12 -4.18
N SER A 352 -3.15 -17.50 -4.25
CA SER A 352 -2.08 -16.56 -3.95
C SER A 352 -2.07 -15.41 -4.95
N LEU A 353 -2.27 -15.70 -6.22
CA LEU A 353 -2.29 -14.66 -7.25
C LEU A 353 -3.46 -13.70 -7.05
N ASN A 354 -4.64 -14.24 -6.76
CA ASN A 354 -5.81 -13.38 -6.55
C ASN A 354 -5.64 -12.53 -5.29
N SER A 355 -5.10 -13.11 -4.22
CA SER A 355 -4.88 -12.35 -2.99
C SER A 355 -3.84 -11.26 -3.20
N SER A 356 -2.78 -11.55 -3.97
CA SER A 356 -1.78 -10.53 -4.26
C SER A 356 -2.35 -9.42 -5.13
N TYR A 357 -3.13 -9.78 -6.16
CA TYR A 357 -3.73 -8.77 -7.02
C TYR A 357 -4.68 -7.87 -6.24
N ARG A 358 -5.50 -8.45 -5.37
CA ARG A 358 -6.38 -7.65 -4.52
C ARG A 358 -5.58 -6.79 -3.54
N ARG A 359 -4.46 -7.33 -3.04
CA ARG A 359 -3.62 -6.57 -2.12
C ARG A 359 -2.85 -5.45 -2.80
N ILE A 360 -2.70 -5.49 -4.13
CA ILE A 360 -1.99 -4.41 -4.81
C ILE A 360 -3.00 -3.44 -5.39
N ASN A 361 -4.20 -3.93 -5.69
CA ASN A 361 -5.28 -3.09 -6.19
C ASN A 361 -6.29 -2.72 -5.12
N LYS A 362 -5.88 -2.74 -3.84
CA LYS A 362 -6.79 -2.31 -2.79
C LYS A 362 -7.06 -0.81 -2.87
N SER A 363 -6.02 -0.01 -3.14
CA SER A 363 -6.22 1.42 -3.35
C SER A 363 -6.94 1.67 -4.67
N ARG A 364 -6.31 1.33 -5.79
CA ARG A 364 -6.87 1.63 -7.10
C ARG A 364 -8.16 0.84 -7.30
N THR A 365 -9.26 1.56 -7.55
CA THR A 365 -10.53 0.93 -7.82
C THR A 365 -11.00 1.18 -9.25
N VAL A 366 -11.21 2.45 -9.62
CA VAL A 366 -11.79 2.80 -10.92
C VAL A 366 -10.64 3.13 -11.87
N PHE A 367 -10.16 2.12 -12.61
CA PHE A 367 -9.13 2.39 -13.61
C PHE A 367 -9.71 3.20 -14.76
N PRO A 368 -9.03 4.28 -15.19
CA PRO A 368 -9.61 5.14 -16.24
C PRO A 368 -9.76 4.46 -17.59
N GLY A 369 -9.01 3.39 -17.83
CA GLY A 369 -8.89 2.82 -19.17
C GLY A 369 -8.32 1.43 -19.09
N ASP A 370 -8.70 0.59 -20.06
CA ASP A 370 -8.22 -0.80 -20.05
C ASP A 370 -6.71 -0.87 -20.09
N GLN A 371 -6.05 0.14 -20.67
CA GLN A 371 -4.60 0.16 -20.70
C GLN A 371 -4.02 0.26 -19.29
N SER A 372 -4.63 1.09 -18.44
CA SER A 372 -4.12 1.27 -17.09
C SER A 372 -4.29 -0.01 -16.28
N LEU A 373 -5.46 -0.65 -16.38
CA LEU A 373 -5.70 -1.91 -15.69
C LEU A 373 -4.74 -2.99 -16.17
N LEU A 374 -4.53 -3.08 -17.48
CA LEU A 374 -3.60 -4.05 -18.03
C LEU A 374 -2.18 -3.81 -17.52
N LYS A 375 -1.75 -2.54 -17.50
CA LYS A 375 -0.43 -2.20 -16.99
C LYS A 375 -0.28 -2.60 -15.52
N SER A 376 -1.28 -2.27 -14.70
CA SER A 376 -1.20 -2.60 -13.28
C SER A 376 -1.15 -4.10 -13.05
N ILE A 377 -2.02 -4.85 -13.74
CA ILE A 377 -2.05 -6.30 -13.55
C ILE A 377 -0.75 -6.92 -14.06
N TYR A 378 -0.19 -6.39 -15.15
CA TYR A 378 1.09 -6.90 -15.66
C TYR A 378 2.21 -6.66 -14.67
N LEU A 379 2.28 -5.46 -14.09
CA LEU A 379 3.34 -5.16 -13.14
C LEU A 379 3.22 -6.03 -11.90
N ALA A 380 1.99 -6.23 -11.39
CA ALA A 380 1.81 -7.12 -10.26
C ALA A 380 2.19 -8.55 -10.62
N THR A 381 1.86 -8.96 -11.86
CA THR A 381 2.18 -10.31 -12.31
C THR A 381 3.69 -10.54 -12.35
N VAL A 382 4.44 -9.56 -12.87
CA VAL A 382 5.88 -9.69 -12.91
C VAL A 382 6.45 -9.71 -11.49
N LYS A 383 5.93 -8.83 -10.63
CA LYS A 383 6.42 -8.76 -9.25
C LYS A 383 6.21 -10.07 -8.51
N ILE A 384 5.17 -10.84 -8.86
CA ILE A 384 4.97 -12.12 -8.20
C ILE A 384 5.79 -13.22 -8.87
N THR A 385 5.77 -13.27 -10.21
CA THR A 385 6.49 -14.31 -10.93
C THR A 385 8.00 -14.21 -10.75
N SER A 386 8.51 -13.07 -10.28
CA SER A 386 9.93 -12.92 -10.02
C SER A 386 10.43 -13.82 -8.89
N LYS A 387 9.53 -14.59 -8.27
CA LYS A 387 9.84 -15.45 -7.14
C LYS A 387 9.43 -16.91 -7.39
N TRP A 388 9.05 -17.26 -8.60
CA TRP A 388 8.65 -18.63 -8.95
C TRP A 388 9.74 -19.40 -9.69
N THR A 389 11.00 -19.24 -9.31
CA THR A 389 12.06 -20.01 -9.96
C THR A 389 12.29 -21.37 -9.30
N MET A 390 11.37 -21.84 -8.47
CA MET A 390 11.55 -23.12 -7.79
C MET A 390 10.85 -24.24 -8.54
N ARG A 391 11.41 -25.44 -8.45
CA ARG A 391 10.83 -26.62 -9.08
C ARG A 391 9.75 -27.21 -8.19
N TYR A 392 8.93 -28.10 -8.75
CA TYR A 392 8.00 -28.83 -7.92
C TYR A 392 8.69 -30.03 -7.28
N LYS A 393 7.99 -30.67 -6.34
CA LYS A 393 8.52 -31.82 -5.62
C LYS A 393 7.91 -33.10 -6.17
N ASN A 394 8.73 -34.16 -6.23
CA ASN A 394 8.32 -35.46 -6.75
C ASN A 394 7.81 -35.34 -8.18
N TRP A 395 8.39 -34.42 -8.95
CA TRP A 395 7.92 -34.17 -10.31
C TRP A 395 8.18 -35.36 -11.23
N GLY A 396 9.20 -36.18 -10.93
CA GLY A 396 9.44 -37.35 -11.75
C GLY A 396 8.30 -38.34 -11.71
N LEU A 397 7.75 -38.60 -10.52
CA LEU A 397 6.63 -39.51 -10.40
C LEU A 397 5.37 -38.94 -11.06
N ILE A 398 5.13 -37.64 -10.89
CA ILE A 398 3.98 -37.01 -11.53
C ILE A 398 4.10 -37.10 -13.04
N LEU A 399 5.31 -36.88 -13.57
CA LEU A 399 5.53 -36.98 -15.01
C LEU A 399 5.36 -38.41 -15.50
N GLY A 400 5.77 -39.39 -14.70
CA GLY A 400 5.56 -40.78 -15.07
C GLY A 400 4.09 -41.15 -15.15
N GLN A 401 3.32 -40.74 -14.13
CA GLN A 401 1.88 -40.98 -14.17
C GLN A 401 1.22 -40.24 -15.33
N LEU A 402 1.71 -39.05 -15.66
CA LEU A 402 1.14 -38.30 -16.78
C LEU A 402 1.41 -39.00 -18.11
N GLN A 403 2.63 -39.51 -18.28
CA GLN A 403 2.95 -40.25 -19.50
C GLN A 403 2.21 -41.57 -19.56
N ILE A 404 1.89 -42.15 -18.40
CA ILE A 404 1.10 -43.38 -18.38
C ILE A 404 -0.34 -43.09 -18.77
N MET A 405 -0.91 -41.98 -18.28
CA MET A 405 -2.29 -41.66 -18.62
C MET A 405 -2.42 -41.23 -20.07
N PHE A 406 -1.55 -40.34 -20.53
CA PHE A 406 -1.58 -39.85 -21.91
C PHE A 406 -0.36 -40.39 -22.66
N GLU A 407 -0.51 -41.57 -23.24
CA GLU A 407 0.58 -42.20 -23.98
C GLU A 407 0.91 -41.41 -25.24
N GLY A 408 2.21 -41.37 -25.57
CA GLY A 408 2.64 -40.66 -26.76
C GLY A 408 2.43 -39.17 -26.73
N ARG A 409 2.21 -38.60 -25.55
CA ARG A 409 1.93 -37.18 -25.39
C ARG A 409 3.06 -36.41 -24.71
N ILE A 410 3.67 -37.00 -23.69
CA ILE A 410 4.83 -36.40 -23.04
C ILE A 410 5.79 -37.50 -22.58
N ALA B 5 26.65 37.65 -4.37
CA ALA B 5 26.76 36.47 -5.21
C ALA B 5 25.76 36.54 -6.38
N ARG B 6 25.98 37.52 -7.26
CA ARG B 6 25.08 37.68 -8.41
C ARG B 6 25.29 36.59 -9.45
N LYS B 7 26.45 35.94 -9.48
CA LYS B 7 26.74 34.86 -10.39
C LYS B 7 27.26 33.66 -9.61
N ARG B 8 27.40 32.54 -10.31
CA ARG B 8 27.96 31.32 -9.74
C ARG B 8 29.47 31.23 -9.90
N ILE B 9 30.13 32.38 -10.08
CA ILE B 9 31.58 32.40 -10.25
C ILE B 9 32.24 32.00 -8.94
N ILE B 10 33.05 30.94 -8.99
CA ILE B 10 33.74 30.45 -7.82
C ILE B 10 35.24 30.51 -8.11
N THR B 11 36.04 30.26 -7.07
CA THR B 11 37.49 30.23 -7.22
C THR B 11 37.88 29.17 -8.24
N PRO B 12 38.71 29.51 -9.22
CA PRO B 12 39.10 28.54 -10.26
C PRO B 12 40.11 27.51 -9.81
N GLU B 13 40.44 27.46 -8.51
CA GLU B 13 41.38 26.49 -7.98
C GLU B 13 40.73 25.15 -7.65
N LYS B 14 39.44 25.00 -7.92
CA LYS B 14 38.74 23.74 -7.71
C LYS B 14 38.76 22.85 -8.94
N LYS B 15 39.29 23.34 -10.07
CA LYS B 15 39.34 22.54 -11.28
C LYS B 15 40.24 21.33 -11.10
N GLU B 16 41.28 21.44 -10.27
CA GLU B 16 42.13 20.28 -10.00
C GLU B 16 41.35 19.19 -9.26
N LEU B 17 40.66 19.57 -8.18
CA LEU B 17 39.85 18.62 -7.43
C LEU B 17 38.75 18.02 -8.27
N ILE B 18 38.22 18.78 -9.24
CA ILE B 18 37.20 18.22 -10.12
C ILE B 18 37.82 17.24 -11.11
N ARG B 19 38.92 17.64 -11.76
CA ARG B 19 39.48 16.85 -12.86
C ARG B 19 40.10 15.56 -12.37
N ASN B 20 40.80 15.59 -11.23
CA ASN B 20 41.43 14.37 -10.75
C ASN B 20 40.38 13.29 -10.47
N LEU B 21 39.28 13.67 -9.82
CA LEU B 21 38.23 12.70 -9.53
C LEU B 21 37.49 12.28 -10.80
N ILE B 22 37.23 13.22 -11.71
CA ILE B 22 36.49 12.89 -12.91
C ILE B 22 37.32 12.03 -13.87
N SER B 23 38.65 12.04 -13.74
CA SER B 23 39.50 11.17 -14.54
C SER B 23 39.85 9.88 -13.84
N GLU B 24 39.80 9.84 -12.50
CA GLU B 24 40.05 8.60 -11.79
C GLU B 24 38.81 7.70 -11.79
N TYR B 25 37.65 8.26 -11.48
CA TYR B 25 36.42 7.47 -11.44
C TYR B 25 35.88 7.13 -12.82
N ASN B 26 36.52 7.60 -13.89
CA ASN B 26 36.07 7.37 -15.26
C ASN B 26 34.62 7.83 -15.44
N ILE B 27 34.36 9.08 -15.02
CA ILE B 27 33.02 9.63 -15.02
C ILE B 27 32.68 10.05 -16.45
N THR B 28 32.00 9.18 -17.18
CA THR B 28 31.51 9.49 -18.52
C THR B 28 30.04 9.88 -18.51
N SER B 29 29.32 9.63 -17.42
CA SER B 29 27.92 10.01 -17.31
C SER B 29 27.64 10.42 -15.87
N ALA B 30 26.44 10.97 -15.66
CA ALA B 30 26.07 11.40 -14.32
C ALA B 30 25.93 10.23 -13.36
N LYS B 31 25.67 9.03 -13.87
CA LYS B 31 25.55 7.86 -13.01
C LYS B 31 26.86 7.56 -12.30
N ASP B 32 27.98 7.69 -13.00
CA ASP B 32 29.28 7.41 -12.39
C ASP B 32 29.56 8.36 -11.23
N LEU B 33 29.37 9.66 -11.45
CA LEU B 33 29.60 10.63 -10.40
C LEU B 33 28.63 10.44 -9.24
N GLN B 34 27.38 10.08 -9.55
CA GLN B 34 26.38 9.88 -8.50
C GLN B 34 26.72 8.68 -7.64
N GLU B 35 27.20 7.59 -8.26
CA GLU B 35 27.62 6.43 -7.49
C GLU B 35 28.96 6.64 -6.80
N ALA B 36 29.77 7.59 -7.28
CA ALA B 36 31.05 7.86 -6.63
C ALA B 36 30.89 8.75 -5.41
N LEU B 37 29.97 9.72 -5.47
CA LEU B 37 29.77 10.62 -4.33
C LEU B 37 29.33 9.85 -3.09
N LYS B 38 28.41 8.90 -3.25
CA LYS B 38 27.97 8.12 -2.10
C LYS B 38 29.11 7.26 -1.54
N ASP B 39 29.87 6.61 -2.42
CA ASP B 39 31.00 5.81 -1.97
C ASP B 39 32.03 6.66 -1.24
N LEU B 40 32.19 7.93 -1.65
CA LEU B 40 33.20 8.76 -1.02
C LEU B 40 32.71 9.40 0.27
N LEU B 41 31.41 9.63 0.41
CA LEU B 41 30.88 10.42 1.52
C LEU B 41 30.05 9.62 2.53
N GLY B 42 29.79 8.34 2.29
CA GLY B 42 28.95 7.59 3.21
C GLY B 42 29.58 7.44 4.58
N ASP B 43 30.83 6.97 4.62
CA ASP B 43 31.51 6.80 5.90
C ASP B 43 31.70 8.13 6.61
N THR B 44 31.96 9.19 5.85
CA THR B 44 32.11 10.51 6.45
C THR B 44 30.82 10.98 7.10
N ILE B 45 29.70 10.86 6.39
CA ILE B 45 28.41 11.25 6.94
C ILE B 45 28.06 10.40 8.16
N GLN B 46 28.40 9.10 8.11
CA GLN B 46 28.11 8.22 9.24
C GLN B 46 28.91 8.64 10.47
N ASN B 47 30.22 8.88 10.30
CA ASN B 47 31.06 9.28 11.42
C ASN B 47 30.74 10.67 11.92
N MET B 48 30.13 11.52 11.08
CA MET B 48 29.69 12.82 11.56
C MET B 48 28.38 12.72 12.33
N LEU B 49 27.45 11.89 11.84
CA LEU B 49 26.15 11.76 12.51
C LEU B 49 26.25 10.99 13.81
N GLU B 50 27.22 10.07 13.92
CA GLU B 50 27.39 9.34 15.17
C GLU B 50 27.86 10.24 16.32
N ALA B 51 28.21 11.50 16.03
CA ALA B 51 28.61 12.45 17.06
C ALA B 51 27.50 13.44 17.41
N GLU B 52 26.41 13.49 16.63
CA GLU B 52 25.33 14.40 16.97
C GLU B 52 24.60 13.97 18.24
N LEU B 53 24.49 12.66 18.48
CA LEU B 53 23.85 12.19 19.71
C LEU B 53 24.72 12.44 20.93
N ASP B 54 26.03 12.58 20.76
CA ASP B 54 26.94 12.89 21.84
C ASP B 54 27.19 14.39 22.00
N GLU B 55 26.84 15.19 21.00
CA GLU B 55 26.98 16.64 21.12
C GLU B 55 26.08 17.19 22.21
N HIS B 56 24.88 16.66 22.34
CA HIS B 56 23.94 17.10 23.36
C HIS B 56 24.41 16.63 24.74
N LEU B 57 23.69 17.06 25.77
CA LEU B 57 24.06 16.69 27.13
C LEU B 57 23.95 15.19 27.35
N GLY B 58 23.05 14.52 26.63
CA GLY B 58 22.89 13.08 26.77
C GLY B 58 23.85 12.28 25.90
N ARG B 110 13.63 25.29 16.81
CA ARG B 110 14.95 24.82 16.39
C ARG B 110 14.83 23.48 15.67
N ASP B 111 14.82 23.53 14.34
CA ASP B 111 14.69 22.32 13.53
C ASP B 111 16.04 21.59 13.48
N ILE B 112 16.12 20.57 12.65
CA ILE B 112 17.31 19.74 12.53
C ILE B 112 17.69 19.63 11.06
N SER B 113 18.72 18.83 10.78
CA SER B 113 19.23 18.69 9.42
C SER B 113 18.17 18.07 8.51
N GLU B 114 18.35 18.29 7.20
CA GLU B 114 17.39 17.81 6.23
C GLU B 114 17.43 16.28 6.11
N ILE B 115 18.60 15.67 6.30
CA ILE B 115 18.69 14.22 6.22
C ILE B 115 17.94 13.57 7.36
N GLU B 116 17.99 14.16 8.57
CA GLU B 116 17.23 13.63 9.67
C GLU B 116 15.73 13.81 9.44
N ASN B 117 15.33 14.90 8.80
CA ASN B 117 13.93 15.08 8.44
C ASN B 117 13.49 14.03 7.42
N LYS B 118 14.36 13.69 6.47
CA LYS B 118 14.05 12.63 5.51
C LYS B 118 13.91 11.29 6.21
N ILE B 119 14.78 11.00 7.18
CA ILE B 119 14.68 9.75 7.92
C ILE B 119 13.38 9.71 8.73
N ILE B 120 12.99 10.85 9.32
CA ILE B 120 11.72 10.91 10.03
C ILE B 120 10.55 10.67 9.09
N ALA B 121 10.62 11.24 7.89
CA ALA B 121 9.55 11.04 6.91
C ALA B 121 9.47 9.57 6.47
N MET B 122 10.63 8.92 6.34
CA MET B 122 10.64 7.51 6.00
C MET B 122 10.04 6.67 7.13
N TYR B 123 10.41 6.97 8.37
CA TYR B 123 9.83 6.29 9.52
C TYR B 123 8.35 6.60 9.69
N ALA B 124 7.87 7.68 9.06
CA ALA B 124 6.46 8.03 9.17
C ALA B 124 5.57 7.15 8.32
N ARG B 125 6.05 6.71 7.15
CA ARG B 125 5.25 5.88 6.26
C ARG B 125 5.03 4.48 6.80
N GLY B 126 5.74 4.09 7.86
CA GLY B 126 5.60 2.75 8.40
C GLY B 126 6.61 1.79 7.83
N MET B 127 7.84 2.24 7.68
CA MET B 127 8.92 1.42 7.12
C MET B 127 9.78 0.87 8.25
N SER B 128 10.24 -0.37 8.09
CA SER B 128 11.11 -0.98 9.07
C SER B 128 12.53 -0.45 8.91
N THR B 129 13.40 -0.84 9.85
CA THR B 129 14.78 -0.37 9.82
C THR B 129 15.51 -0.84 8.57
N ARG B 130 15.17 -2.03 8.07
CA ARG B 130 15.81 -2.54 6.86
C ARG B 130 15.36 -1.75 5.63
N GLU B 131 14.06 -1.43 5.56
CA GLU B 131 13.58 -0.64 4.44
C GLU B 131 14.20 0.75 4.43
N ILE B 132 14.28 1.39 5.60
CA ILE B 132 14.92 2.70 5.69
C ILE B 132 16.41 2.59 5.36
N ASN B 133 17.04 1.49 5.76
CA ASN B 133 18.46 1.28 5.46
C ASN B 133 18.69 1.18 3.96
N GLU B 134 17.84 0.43 3.26
CA GLU B 134 17.97 0.33 1.81
C GLU B 134 17.69 1.68 1.15
N GLN B 135 16.64 2.36 1.59
CA GLN B 135 16.28 3.65 1.02
C GLN B 135 17.40 4.68 1.21
N ILE B 136 18.12 4.61 2.32
CA ILE B 136 19.20 5.56 2.57
C ILE B 136 20.52 5.11 1.95
N GLN B 137 20.69 3.81 1.66
CA GLN B 137 21.85 3.38 0.91
C GLN B 137 21.71 3.69 -0.58
N GLU B 138 20.48 3.79 -1.07
CA GLU B 138 20.26 4.19 -2.45
C GLU B 138 20.71 5.62 -2.74
N ILE B 139 21.00 6.41 -1.72
CA ILE B 139 21.42 7.80 -1.89
C ILE B 139 22.79 8.02 -1.28
N TYR B 140 22.95 7.71 0.01
CA TYR B 140 24.19 7.98 0.72
C TYR B 140 25.11 6.77 0.81
N GLY B 141 24.56 5.58 1.03
CA GLY B 141 25.35 4.37 1.02
C GLY B 141 25.75 3.82 2.38
N PHE B 142 25.32 4.44 3.47
CA PHE B 142 25.64 3.95 4.81
C PHE B 142 24.40 3.35 5.45
N GLU B 143 24.63 2.59 6.52
CA GLU B 143 23.59 1.83 7.20
C GLU B 143 23.01 2.63 8.36
N VAL B 144 21.76 2.29 8.70
CA VAL B 144 21.03 2.94 9.80
C VAL B 144 20.88 1.93 10.92
N SER B 145 21.37 2.28 12.11
CA SER B 145 21.31 1.42 13.28
C SER B 145 20.06 1.71 14.10
N ALA B 146 19.84 0.89 15.13
CA ALA B 146 18.69 1.10 16.01
C ALA B 146 18.89 2.33 16.87
N GLU B 147 20.10 2.54 17.39
CA GLU B 147 20.39 3.74 18.16
C GLU B 147 20.25 5.00 17.32
N MET B 148 20.60 4.92 16.04
CA MET B 148 20.48 6.08 15.15
C MET B 148 19.03 6.53 15.02
N VAL B 149 18.15 5.61 14.62
CA VAL B 149 16.73 5.95 14.47
C VAL B 149 16.13 6.32 15.82
N SER B 150 16.58 5.68 16.91
CA SER B 150 16.07 6.02 18.23
C SER B 150 16.40 7.45 18.59
N LYS B 151 17.64 7.88 18.35
CA LYS B 151 18.04 9.26 18.62
C LYS B 151 17.28 10.24 17.71
N ILE B 152 17.15 9.90 16.43
CA ILE B 152 16.47 10.79 15.50
C ILE B 152 15.00 10.98 15.89
N THR B 153 14.37 9.92 16.41
CA THR B 153 13.00 10.03 16.88
C THR B 153 12.92 10.75 18.22
N ASP B 154 13.92 10.57 19.09
CA ASP B 154 13.94 11.27 20.37
C ASP B 154 14.13 12.77 20.19
N LYS B 155 14.78 13.19 19.11
CA LYS B 155 14.98 14.61 18.86
C LYS B 155 13.67 15.37 18.66
N ILE B 156 12.54 14.70 18.55
CA ILE B 156 11.25 15.36 18.37
C ILE B 156 10.39 15.17 19.62
N LEU B 157 11.04 14.99 20.77
CA LEU B 157 10.34 14.87 22.05
C LEU B 157 9.71 16.19 22.49
N PRO B 158 10.40 17.34 22.37
CA PRO B 158 9.73 18.60 22.75
C PRO B 158 8.47 18.88 21.94
N GLU B 159 8.47 18.55 20.65
CA GLU B 159 7.31 18.84 19.81
C GLU B 159 6.10 18.03 20.25
N ILE B 160 6.28 16.73 20.47
CA ILE B 160 5.15 15.89 20.89
C ILE B 160 4.72 16.25 22.30
N GLU B 161 5.67 16.61 23.17
CA GLU B 161 5.30 16.98 24.54
C GLU B 161 4.54 18.31 24.58
N GLU B 162 4.83 19.22 23.65
CA GLU B 162 4.07 20.45 23.58
C GLU B 162 2.74 20.26 22.87
N TRP B 163 2.65 19.28 21.97
CA TRP B 163 1.37 19.00 21.32
C TRP B 163 0.41 18.31 22.28
N GLN B 164 0.91 17.39 23.11
CA GLN B 164 0.05 16.75 24.09
C GLN B 164 -0.32 17.68 25.24
N LYS B 165 0.39 18.80 25.40
CA LYS B 165 0.02 19.85 26.35
C LYS B 165 -0.54 21.09 25.63
N ARG B 166 -0.93 20.94 24.37
CA ARG B 166 -1.46 22.07 23.62
C ARG B 166 -2.80 22.52 24.20
N PRO B 167 -3.01 23.83 24.34
CA PRO B 167 -4.31 24.31 24.81
C PRO B 167 -5.42 23.99 23.81
N LEU B 168 -6.51 23.42 24.32
CA LEU B 168 -7.64 23.01 23.51
C LEU B 168 -8.70 24.12 23.54
N GLY B 169 -9.86 23.83 22.95
CA GLY B 169 -10.95 24.78 22.93
C GLY B 169 -11.73 24.77 24.22
N GLU B 170 -12.97 25.24 24.15
CA GLU B 170 -13.84 25.34 25.33
C GLU B 170 -15.02 24.38 25.25
N VAL B 171 -15.80 24.44 24.18
CA VAL B 171 -16.97 23.58 24.02
C VAL B 171 -16.86 22.87 22.68
N TYR B 172 -16.84 21.54 22.71
CA TYR B 172 -16.87 20.72 21.51
C TYR B 172 -18.21 20.02 21.39
N PRO B 173 -18.90 20.16 20.25
CA PRO B 173 -20.20 19.50 20.11
C PRO B 173 -20.12 17.98 20.11
N ILE B 174 -19.24 17.40 19.31
CA ILE B 174 -19.12 15.95 19.17
C ILE B 174 -17.67 15.54 19.36
N VAL B 175 -17.47 14.47 20.13
CA VAL B 175 -16.15 13.91 20.41
C VAL B 175 -16.23 12.39 20.32
N PHE B 176 -15.37 11.79 19.51
CA PHE B 176 -15.24 10.35 19.41
C PHE B 176 -13.96 9.91 20.12
N ILE B 177 -13.98 8.71 20.70
CA ILE B 177 -12.78 8.09 21.25
C ILE B 177 -12.65 6.69 20.68
N ASP B 178 -11.48 6.36 20.12
CA ASP B 178 -11.25 5.04 19.56
C ASP B 178 -10.01 4.43 20.21
N ALA B 179 -10.15 3.18 20.65
CA ALA B 179 -9.08 2.46 21.32
C ALA B 179 -8.53 1.37 20.41
N ILE B 180 -7.20 1.26 20.34
CA ILE B 180 -6.55 0.18 19.62
C ILE B 180 -5.44 -0.38 20.51
N HIS B 181 -5.37 -1.71 20.58
CA HIS B 181 -4.43 -2.40 21.45
C HIS B 181 -3.26 -2.96 20.64
N PHE B 182 -2.07 -2.94 21.23
CA PHE B 182 -0.90 -3.52 20.60
C PHE B 182 -0.05 -4.22 21.64
N SER B 183 0.95 -4.96 21.16
CA SER B 183 1.88 -5.72 22.02
C SER B 183 3.26 -5.09 21.90
N VAL B 184 3.80 -4.65 23.05
CA VAL B 184 5.10 -3.98 23.08
C VAL B 184 5.93 -4.51 24.24
N LYS B 185 7.25 -4.39 24.10
CA LYS B 185 8.18 -4.77 25.16
C LYS B 185 8.50 -3.55 26.01
N ASN B 186 8.40 -3.72 27.33
CA ASN B 186 8.71 -2.66 28.27
C ASN B 186 9.43 -3.26 29.46
N ASP B 187 10.53 -2.63 29.88
CA ASP B 187 11.34 -3.09 31.01
C ASP B 187 11.76 -4.55 30.86
N GLY B 188 11.93 -4.99 29.61
CA GLY B 188 12.36 -6.35 29.36
C GLY B 188 11.27 -7.39 29.43
N ILE B 189 10.00 -6.99 29.47
CA ILE B 189 8.88 -7.92 29.52
C ILE B 189 7.89 -7.55 28.44
N VAL B 190 7.30 -8.57 27.80
CA VAL B 190 6.32 -8.35 26.74
C VAL B 190 4.95 -8.15 27.37
N GLY B 191 4.31 -7.02 27.05
CA GLY B 191 2.98 -6.75 27.53
C GLY B 191 2.09 -6.21 26.43
N LYS B 192 0.81 -6.06 26.76
CA LYS B 192 -0.20 -5.53 25.85
C LYS B 192 -0.66 -4.17 26.34
N LYS B 193 -0.38 -3.12 25.57
CA LYS B 193 -0.79 -1.78 25.93
C LYS B 193 -1.84 -1.26 24.95
N ALA B 194 -2.81 -0.53 25.48
CA ALA B 194 -3.90 0.04 24.69
C ALA B 194 -3.68 1.53 24.57
N VAL B 195 -3.71 2.03 23.32
CA VAL B 195 -3.65 3.47 23.06
C VAL B 195 -5.04 3.93 22.64
N TYR B 196 -5.50 5.01 23.28
CA TYR B 196 -6.80 5.61 23.04
C TYR B 196 -6.58 6.96 22.37
N ILE B 197 -7.35 7.24 21.33
CA ILE B 197 -7.23 8.49 20.61
C ILE B 197 -8.57 9.21 20.68
N VAL B 198 -8.54 10.46 21.14
CA VAL B 198 -9.73 11.30 21.25
C VAL B 198 -9.71 12.30 20.11
N LEU B 199 -10.75 12.26 19.29
CA LEU B 199 -10.88 13.08 18.09
C LEU B 199 -12.23 13.81 18.16
N ALA B 200 -12.19 15.14 18.28
CA ALA B 200 -13.41 15.92 18.38
C ALA B 200 -13.54 16.85 17.19
N ILE B 201 -14.78 17.28 16.93
CA ILE B 201 -15.07 18.30 15.93
C ILE B 201 -15.50 19.57 16.65
N ASP B 202 -14.89 20.70 16.28
CA ASP B 202 -15.18 21.97 16.90
C ASP B 202 -16.42 22.61 16.27
N ILE B 203 -16.92 23.67 16.91
CA ILE B 203 -18.11 24.35 16.41
C ILE B 203 -17.85 25.09 15.09
N GLU B 204 -16.59 25.35 14.74
CA GLU B 204 -16.31 25.92 13.43
C GLU B 204 -16.50 24.93 12.29
N GLY B 205 -16.71 23.64 12.59
CA GLY B 205 -16.84 22.62 11.58
C GLY B 205 -15.57 21.86 11.26
N GLN B 206 -14.47 22.15 11.92
CA GLN B 206 -13.22 21.43 11.68
C GLN B 206 -13.19 20.15 12.51
N LYS B 207 -12.25 19.26 12.16
CA LYS B 207 -12.15 17.94 12.76
C LYS B 207 -10.73 17.67 13.22
N ASP B 208 -10.13 18.63 13.94
CA ASP B 208 -8.77 18.46 14.43
C ASP B 208 -8.71 17.39 15.51
N VAL B 209 -7.57 16.68 15.56
CA VAL B 209 -7.37 15.65 16.56
C VAL B 209 -7.12 16.29 17.92
N ILE B 210 -7.72 15.73 18.96
CA ILE B 210 -7.58 16.27 20.30
C ILE B 210 -6.38 15.68 21.01
N GLY B 211 -6.35 14.36 21.18
CA GLY B 211 -5.24 13.80 21.93
C GLY B 211 -5.06 12.32 21.79
N ILE B 212 -3.92 11.86 22.33
CA ILE B 212 -3.56 10.44 22.36
C ILE B 212 -3.07 10.10 23.76
N TYR B 213 -3.48 8.94 24.26
CA TYR B 213 -3.12 8.52 25.61
C TYR B 213 -2.96 7.01 25.64
N VAL B 214 -1.85 6.53 26.19
CA VAL B 214 -1.58 5.09 26.21
C VAL B 214 -1.59 4.61 27.66
N GLY B 215 -2.06 3.38 27.86
CA GLY B 215 -2.02 2.76 29.16
C GLY B 215 -2.06 1.26 29.06
N GLU B 216 -2.20 0.61 30.22
CA GLU B 216 -2.27 -0.85 30.28
C GLU B 216 -3.35 -1.28 31.27
N ASN B 217 -4.50 -0.61 31.24
CA ASN B 217 -5.56 -0.90 32.20
C ASN B 217 -6.89 -0.28 31.78
N GLU B 218 -7.92 -1.12 31.67
CA GLU B 218 -9.29 -0.65 31.47
C GLU B 218 -9.93 -0.38 32.83
N SER B 219 -9.38 0.63 33.50
CA SER B 219 -9.80 1.01 34.84
C SER B 219 -10.44 2.40 34.83
N SER B 220 -11.48 2.56 35.65
CA SER B 220 -12.18 3.83 35.75
C SER B 220 -11.27 4.96 36.22
N LYS B 221 -10.29 4.66 37.07
CA LYS B 221 -9.38 5.69 37.56
C LYS B 221 -8.64 6.35 36.41
N PHE B 222 -8.06 5.54 35.51
CA PHE B 222 -7.34 6.09 34.36
C PHE B 222 -8.26 6.95 33.49
N TRP B 223 -9.48 6.47 33.24
CA TRP B 223 -10.44 7.22 32.45
C TRP B 223 -10.74 8.58 33.08
N LEU B 224 -11.00 8.59 34.38
CA LEU B 224 -11.25 9.84 35.09
C LEU B 224 -10.03 10.77 35.01
N SER B 225 -8.83 10.22 35.14
CA SER B 225 -7.62 11.03 35.03
C SER B 225 -7.48 11.63 33.63
N VAL B 226 -7.87 10.89 32.60
CA VAL B 226 -7.85 11.41 31.23
C VAL B 226 -8.82 12.57 31.10
N LEU B 227 -10.05 12.38 31.60
CA LEU B 227 -11.04 13.46 31.51
C LEU B 227 -10.57 14.71 32.27
N ASN B 228 -10.01 14.52 33.46
CA ASN B 228 -9.48 15.64 34.22
C ASN B 228 -8.32 16.32 33.49
N ASP B 229 -7.48 15.55 32.80
CA ASP B 229 -6.43 16.16 31.98
C ASP B 229 -7.02 17.01 30.88
N LEU B 230 -8.06 16.51 30.20
CA LEU B 230 -8.76 17.31 29.20
C LEU B 230 -9.32 18.58 29.81
N LYS B 231 -9.87 18.49 31.03
CA LYS B 231 -10.33 19.70 31.72
C LYS B 231 -9.19 20.66 31.97
N ASN B 232 -8.03 20.14 32.37
CA ASN B 232 -6.86 20.98 32.62
C ASN B 232 -6.38 21.65 31.34
N ARG B 233 -6.62 21.01 30.19
CA ARG B 233 -6.32 21.64 28.90
C ARG B 233 -7.30 22.74 28.54
N GLY B 234 -8.32 22.96 29.37
CA GLY B 234 -9.22 24.09 29.21
C GLY B 234 -10.57 23.77 28.59
N VAL B 235 -11.08 22.56 28.74
CA VAL B 235 -12.39 22.18 28.21
C VAL B 235 -13.41 22.27 29.34
N LYS B 236 -14.61 22.75 29.00
CA LYS B 236 -15.69 22.91 29.97
C LYS B 236 -16.89 22.03 29.69
N ASP B 237 -17.29 21.86 28.43
CA ASP B 237 -18.51 21.14 28.12
C ASP B 237 -18.35 20.35 26.83
N ILE B 238 -18.73 19.08 26.88
CA ILE B 238 -18.82 18.21 25.71
C ILE B 238 -20.29 17.82 25.57
N LEU B 239 -20.83 17.98 24.37
CA LEU B 239 -22.25 17.71 24.16
C LEU B 239 -22.53 16.25 23.82
N ILE B 240 -21.80 15.69 22.85
CA ILE B 240 -22.00 14.32 22.40
C ILE B 240 -20.69 13.57 22.58
N LEU B 241 -20.78 12.34 23.10
CA LEU B 241 -19.62 11.48 23.32
C LEU B 241 -19.91 10.12 22.72
N CYS B 242 -19.19 9.77 21.66
CA CYS B 242 -19.36 8.50 20.96
C CYS B 242 -18.26 7.55 21.42
N ALA B 243 -18.67 6.41 21.99
CA ALA B 243 -17.71 5.48 22.57
C ALA B 243 -18.30 4.09 22.64
N ASP B 244 -17.48 3.09 22.30
CA ASP B 244 -17.87 1.71 22.50
C ASP B 244 -18.03 1.41 24.00
N ALA B 245 -18.79 0.37 24.29
CA ALA B 245 -19.03 -0.04 25.67
C ALA B 245 -17.73 -0.52 26.31
N LEU B 246 -17.23 0.22 27.30
CA LEU B 246 -16.06 -0.16 28.08
C LEU B 246 -16.42 -0.18 29.56
N SER B 247 -15.41 -0.46 30.38
CA SER B 247 -15.65 -0.70 31.80
C SER B 247 -16.06 0.58 32.53
N GLY B 248 -15.18 1.59 32.51
CA GLY B 248 -15.35 2.77 33.34
C GLY B 248 -15.70 4.04 32.59
N ILE B 249 -16.18 3.91 31.35
CA ILE B 249 -16.52 5.09 30.56
C ILE B 249 -17.66 5.87 31.22
N LYS B 250 -18.81 5.21 31.42
CA LYS B 250 -19.98 5.90 31.95
C LYS B 250 -19.72 6.48 33.34
N ASP B 251 -18.87 5.82 34.14
CA ASP B 251 -18.58 6.34 35.48
C ASP B 251 -17.85 7.67 35.41
N ALA B 252 -16.80 7.75 34.60
CA ALA B 252 -16.05 9.00 34.52
C ALA B 252 -16.85 10.05 33.77
N ILE B 253 -17.70 9.62 32.82
CA ILE B 253 -18.54 10.57 32.11
C ILE B 253 -19.54 11.21 33.05
N ASN B 254 -20.09 10.45 33.98
CA ASN B 254 -21.00 11.00 34.98
C ASN B 254 -20.26 11.77 36.06
N ALA B 255 -18.98 11.45 36.30
CA ALA B 255 -18.22 12.17 37.32
C ALA B 255 -17.72 13.53 36.82
N ALA B 256 -17.39 13.64 35.53
CA ALA B 256 -16.85 14.87 34.97
C ALA B 256 -17.91 15.72 34.28
N PHE B 257 -18.70 15.14 33.39
CA PHE B 257 -19.73 15.86 32.65
C PHE B 257 -21.04 15.09 32.76
N PRO B 258 -21.75 15.22 33.89
CA PRO B 258 -22.99 14.43 34.06
C PRO B 258 -24.09 14.84 33.10
N ASN B 259 -24.11 16.09 32.63
CA ASN B 259 -25.11 16.53 31.69
C ASN B 259 -24.79 16.14 30.26
N THR B 260 -23.59 15.67 29.98
CA THR B 260 -23.21 15.22 28.64
C THR B 260 -23.94 13.93 28.30
N GLU B 261 -24.78 13.97 27.26
CA GLU B 261 -25.45 12.76 26.81
C GLU B 261 -24.44 11.83 26.14
N TYR B 262 -24.36 10.61 26.63
CA TYR B 262 -23.39 9.63 26.17
C TYR B 262 -24.12 8.51 25.42
N GLN B 263 -23.61 8.16 24.24
CA GLN B 263 -24.20 7.14 23.41
C GLN B 263 -23.11 6.20 22.90
N ARG B 264 -23.48 4.93 22.69
CA ARG B 264 -22.54 3.97 22.16
C ARG B 264 -22.28 4.25 20.69
N CYS B 265 -21.00 4.23 20.32
CA CYS B 265 -20.62 4.55 18.94
C CYS B 265 -21.16 3.49 18.00
N ILE B 266 -21.88 3.94 16.96
CA ILE B 266 -22.57 3.02 16.07
C ILE B 266 -21.62 2.43 15.03
N VAL B 267 -20.56 3.15 14.65
CA VAL B 267 -19.64 2.64 13.64
C VAL B 267 -18.92 1.40 14.15
N HIS B 268 -18.66 1.31 15.45
CA HIS B 268 -18.08 0.10 16.02
C HIS B 268 -19.13 -1.00 16.16
N GLN B 269 -20.39 -0.64 16.36
CA GLN B 269 -21.45 -1.64 16.47
C GLN B 269 -21.65 -2.38 15.15
N ILE B 270 -21.70 -1.63 14.04
CA ILE B 270 -21.89 -2.27 12.74
C ILE B 270 -20.66 -3.08 12.35
N ARG B 271 -19.47 -2.66 12.80
CA ARG B 271 -18.26 -3.42 12.49
C ARG B 271 -18.18 -4.69 13.32
N ASN B 272 -18.54 -4.60 14.61
CA ASN B 272 -18.46 -5.78 15.47
C ASN B 272 -19.59 -6.76 15.19
N THR B 273 -20.72 -6.29 14.66
CA THR B 273 -21.83 -7.19 14.37
C THR B 273 -21.68 -7.86 13.01
N LEU B 274 -21.05 -7.19 12.04
CA LEU B 274 -20.80 -7.79 10.74
C LEU B 274 -19.64 -8.77 10.76
N LYS B 275 -18.90 -8.85 11.85
CA LYS B 275 -17.81 -9.82 11.95
C LYS B 275 -18.32 -11.24 12.08
N TYR B 276 -19.53 -11.42 12.61
CA TYR B 276 -20.08 -12.75 12.85
C TYR B 276 -20.77 -13.34 11.63
N VAL B 277 -21.26 -12.51 10.71
CA VAL B 277 -21.97 -13.02 9.55
C VAL B 277 -20.97 -13.52 8.51
N SER B 278 -21.46 -14.33 7.58
CA SER B 278 -20.62 -14.92 6.56
C SER B 278 -20.23 -13.89 5.50
N ASP B 279 -19.34 -14.31 4.60
CA ASP B 279 -18.87 -13.45 3.52
C ASP B 279 -19.87 -13.35 2.37
N LYS B 280 -20.88 -14.23 2.32
CA LYS B 280 -21.88 -14.18 1.27
C LYS B 280 -23.19 -13.53 1.71
N ASP B 281 -23.56 -13.66 2.98
CA ASP B 281 -24.76 -13.05 3.54
C ASP B 281 -24.43 -11.73 4.22
N ARG B 282 -23.55 -10.93 3.62
CA ARG B 282 -23.13 -9.66 4.19
C ARG B 282 -23.82 -8.46 3.54
N LYS B 283 -24.14 -8.55 2.24
CA LYS B 283 -24.82 -7.45 1.57
C LYS B 283 -26.24 -7.28 2.11
N GLU B 284 -26.98 -8.38 2.22
CA GLU B 284 -28.35 -8.30 2.74
C GLU B 284 -28.35 -7.90 4.21
N PHE B 285 -27.43 -8.46 5.00
CA PHE B 285 -27.34 -8.09 6.41
C PHE B 285 -27.02 -6.61 6.55
N ALA B 286 -26.15 -6.08 5.68
CA ALA B 286 -25.85 -4.66 5.69
C ALA B 286 -27.08 -3.83 5.32
N ARG B 287 -27.84 -4.28 4.33
CA ARG B 287 -29.06 -3.58 3.95
C ARG B 287 -30.03 -3.51 5.13
N ASP B 288 -30.23 -4.64 5.81
CA ASP B 288 -31.09 -4.66 6.98
C ASP B 288 -30.59 -3.72 8.08
N LEU B 289 -29.28 -3.72 8.34
CA LEU B 289 -28.75 -2.77 9.32
C LEU B 289 -28.98 -1.32 8.87
N LYS B 290 -28.89 -1.08 7.56
CA LYS B 290 -29.18 0.25 7.02
C LYS B 290 -30.63 0.62 7.32
N ARG B 291 -31.54 -0.34 7.21
CA ARG B 291 -32.92 -0.07 7.60
C ARG B 291 -33.05 0.04 9.11
N ILE B 292 -32.06 -0.44 9.86
CA ILE B 292 -32.08 -0.29 11.31
C ILE B 292 -31.76 1.14 11.70
N TYR B 293 -30.73 1.74 11.08
CA TYR B 293 -30.30 3.06 11.54
C TYR B 293 -30.76 4.22 10.66
N THR B 294 -31.35 3.95 9.49
CA THR B 294 -31.95 4.99 8.69
C THR B 294 -33.44 5.16 8.98
N ALA B 295 -33.93 4.56 10.06
CA ALA B 295 -35.34 4.67 10.41
C ALA B 295 -35.68 6.10 10.83
N PRO B 296 -36.91 6.54 10.58
CA PRO B 296 -37.27 7.93 10.93
C PRO B 296 -37.27 8.21 12.41
N ASN B 297 -37.74 7.27 13.23
CA ASN B 297 -37.86 7.47 14.67
C ASN B 297 -37.11 6.36 15.41
N GLU B 298 -37.08 6.46 16.74
CA GLU B 298 -36.40 5.46 17.55
C GLU B 298 -37.23 4.19 17.69
N LYS B 299 -38.55 4.32 17.77
CA LYS B 299 -39.40 3.14 17.91
C LYS B 299 -39.47 2.36 16.59
N ALA B 300 -39.49 3.08 15.46
CA ALA B 300 -39.42 2.40 14.17
C ALA B 300 -38.09 1.66 14.03
N GLY B 301 -37.01 2.26 14.52
CA GLY B 301 -35.74 1.57 14.52
C GLY B 301 -35.74 0.34 15.40
N TYR B 302 -36.38 0.44 16.57
CA TYR B 302 -36.51 -0.72 17.45
C TYR B 302 -37.30 -1.84 16.77
N ASP B 303 -38.36 -1.47 16.04
CA ASP B 303 -39.16 -2.46 15.34
C ASP B 303 -38.37 -3.12 14.22
N GLN B 304 -37.60 -2.32 13.47
CA GLN B 304 -36.76 -2.88 12.41
C GLN B 304 -35.69 -3.79 12.98
N MET B 305 -35.13 -3.42 14.15
CA MET B 305 -34.15 -4.28 14.81
C MET B 305 -34.78 -5.60 15.22
N LEU B 306 -35.97 -5.54 15.82
CA LEU B 306 -36.67 -6.78 16.17
C LEU B 306 -36.91 -7.64 14.94
N GLU B 307 -37.30 -7.02 13.82
CA GLU B 307 -37.58 -7.77 12.61
C GLU B 307 -36.32 -8.46 12.10
N VAL B 308 -35.21 -7.73 12.01
CA VAL B 308 -33.98 -8.32 11.48
C VAL B 308 -33.43 -9.37 12.44
N SER B 309 -33.62 -9.18 13.75
CA SER B 309 -33.19 -10.19 14.71
C SER B 309 -33.99 -11.47 14.52
N GLU B 310 -35.32 -11.36 14.46
CA GLU B 310 -36.15 -12.54 14.28
C GLU B 310 -35.89 -13.20 12.93
N LYS B 311 -35.47 -12.42 11.93
CA LYS B 311 -35.15 -12.97 10.62
C LYS B 311 -33.80 -13.68 10.61
N TRP B 312 -32.82 -13.16 11.34
CA TRP B 312 -31.45 -13.66 11.28
C TRP B 312 -31.05 -14.46 12.51
N GLU B 313 -31.99 -14.77 13.41
CA GLU B 313 -31.67 -15.62 14.56
C GLU B 313 -31.50 -17.08 14.16
N LYS B 314 -31.98 -17.46 12.97
CA LYS B 314 -31.87 -18.85 12.54
C LYS B 314 -30.45 -19.20 12.13
N LYS B 315 -29.74 -18.26 11.51
CA LYS B 315 -28.39 -18.52 11.00
C LYS B 315 -27.30 -17.96 11.90
N TYR B 316 -27.44 -16.70 12.33
CA TYR B 316 -26.45 -16.05 13.19
C TYR B 316 -27.15 -15.60 14.47
N PRO B 317 -27.25 -16.48 15.47
CA PRO B 317 -27.98 -16.09 16.69
C PRO B 317 -27.22 -15.10 17.56
N ALA B 318 -25.90 -15.21 17.64
CA ALA B 318 -25.10 -14.35 18.50
C ALA B 318 -24.70 -13.05 17.82
N ALA B 319 -25.21 -12.77 16.62
CA ALA B 319 -24.86 -11.55 15.93
C ALA B 319 -25.70 -10.37 16.43
N MET B 320 -27.02 -10.53 16.44
CA MET B 320 -27.93 -9.47 16.85
C MET B 320 -28.20 -9.47 18.35
N LYS B 321 -27.59 -10.39 19.10
CA LYS B 321 -27.81 -10.43 20.54
C LYS B 321 -27.29 -9.17 21.23
N SER B 322 -26.14 -8.67 20.78
CA SER B 322 -25.60 -7.45 21.37
C SER B 322 -26.53 -6.26 21.12
N TRP B 323 -27.12 -6.18 19.93
CA TRP B 323 -28.03 -5.09 19.63
C TRP B 323 -29.25 -5.10 20.56
N LYS B 324 -29.89 -6.26 20.68
CA LYS B 324 -31.06 -6.37 21.56
C LYS B 324 -30.67 -6.16 23.01
N SER B 325 -29.44 -6.51 23.39
CA SER B 325 -29.03 -6.39 24.79
C SER B 325 -28.71 -4.96 25.17
N ASN B 326 -28.12 -4.19 24.26
CA ASN B 326 -27.68 -2.84 24.58
C ASN B 326 -28.52 -1.74 23.93
N TRP B 327 -29.66 -2.09 23.31
CA TRP B 327 -30.50 -1.04 22.74
C TRP B 327 -31.07 -0.10 23.80
N ASP B 328 -31.37 -0.64 24.98
CA ASP B 328 -32.04 0.18 26.00
C ASP B 328 -31.12 1.23 26.62
N VAL B 329 -29.85 0.91 26.84
CA VAL B 329 -29.01 1.79 27.64
C VAL B 329 -28.19 2.80 26.82
N ILE B 330 -27.69 2.45 25.63
CA ILE B 330 -26.85 3.40 24.90
C ILE B 330 -27.20 3.55 23.42
N CYS B 331 -27.91 2.62 22.80
CA CYS B 331 -28.14 2.71 21.35
C CYS B 331 -28.91 3.94 20.87
N PRO B 332 -29.94 4.47 21.56
CA PRO B 332 -30.77 5.48 20.90
C PRO B 332 -30.07 6.80 20.63
N PHE B 333 -29.65 6.97 19.38
CA PHE B 333 -29.07 8.19 18.84
C PHE B 333 -30.06 9.01 18.02
N PHE B 334 -31.30 8.52 17.87
CA PHE B 334 -32.33 9.04 16.97
C PHE B 334 -32.87 10.41 17.38
N LYS B 335 -32.34 11.13 18.36
CA LYS B 335 -32.83 12.47 18.63
C LYS B 335 -32.34 13.47 17.59
N TYR B 336 -31.08 13.34 17.16
CA TYR B 336 -30.52 14.25 16.18
C TYR B 336 -31.13 13.98 14.81
N SER B 337 -31.11 15.00 13.95
CA SER B 337 -31.69 14.89 12.62
C SER B 337 -30.80 14.05 11.71
N GLU B 338 -31.33 13.75 10.51
CA GLU B 338 -30.59 12.90 9.58
C GLU B 338 -29.32 13.57 9.07
N GLU B 339 -29.29 14.91 9.00
CA GLU B 339 -28.07 15.58 8.59
C GLU B 339 -26.92 15.30 9.56
N LEU B 340 -27.25 15.02 10.82
CA LEU B 340 -26.26 14.63 11.80
C LEU B 340 -26.12 13.11 11.90
N ARG B 341 -27.22 12.37 11.75
CA ARG B 341 -27.15 10.92 11.84
C ARG B 341 -26.31 10.32 10.73
N LYS B 342 -26.39 10.88 9.52
CA LYS B 342 -25.57 10.39 8.42
C LYS B 342 -24.09 10.56 8.73
N ILE B 343 -23.69 11.74 9.20
CA ILE B 343 -22.31 11.97 9.62
C ILE B 343 -21.94 11.08 10.79
N MET B 344 -22.93 10.70 11.59
CA MET B 344 -22.66 9.86 12.76
C MET B 344 -22.34 8.43 12.35
N TYR B 345 -23.10 7.87 11.42
CA TYR B 345 -22.91 6.47 11.05
C TYR B 345 -22.04 6.29 9.81
N THR B 346 -21.57 7.37 9.20
CA THR B 346 -20.73 7.27 8.00
C THR B 346 -19.32 7.81 8.26
N THR B 347 -18.94 8.04 9.52
CA THR B 347 -17.70 8.74 9.84
C THR B 347 -16.52 7.84 9.50
N ASN B 348 -16.22 7.78 8.20
CA ASN B 348 -15.14 6.98 7.66
C ASN B 348 -13.76 7.48 8.08
N THR B 349 -13.67 8.64 8.71
CA THR B 349 -12.36 9.16 9.11
C THR B 349 -11.77 8.33 10.25
N ILE B 350 -12.61 7.87 11.18
CA ILE B 350 -12.12 7.04 12.27
C ILE B 350 -11.55 5.75 11.72
N GLU B 351 -12.28 5.12 10.80
CA GLU B 351 -11.80 3.88 10.21
C GLU B 351 -10.58 4.11 9.33
N SER B 352 -10.48 5.28 8.71
CA SER B 352 -9.29 5.60 7.93
C SER B 352 -8.07 5.72 8.82
N LEU B 353 -8.22 6.36 9.98
CA LEU B 353 -7.10 6.46 10.92
C LEU B 353 -6.73 5.09 11.45
N ASN B 354 -7.72 4.25 11.77
CA ASN B 354 -7.43 2.91 12.27
C ASN B 354 -6.74 2.06 11.20
N SER B 355 -7.18 2.19 9.95
CA SER B 355 -6.53 1.46 8.85
C SER B 355 -5.10 1.94 8.64
N SER B 356 -4.87 3.24 8.77
CA SER B 356 -3.51 3.75 8.67
C SER B 356 -2.64 3.22 9.81
N TYR B 357 -3.18 3.18 11.03
CA TYR B 357 -2.44 2.65 12.15
C TYR B 357 -2.09 1.18 11.94
N ARG B 358 -3.03 0.41 11.38
CA ARG B 358 -2.75 -0.97 11.03
C ARG B 358 -1.66 -1.06 9.96
N ARG B 359 -1.69 -0.14 9.00
CA ARG B 359 -0.68 -0.09 7.94
C ARG B 359 0.69 0.36 8.42
N ILE B 360 0.76 0.97 9.61
CA ILE B 360 2.02 1.43 10.18
C ILE B 360 2.58 0.35 11.10
N ASN B 361 1.95 -0.82 11.11
CA ASN B 361 2.38 -1.93 11.96
C ASN B 361 3.36 -2.87 11.26
N LYS B 362 4.18 -2.35 10.35
CA LYS B 362 5.21 -3.19 9.71
C LYS B 362 6.17 -3.73 10.75
N SER B 363 6.58 -2.90 11.72
CA SER B 363 7.30 -3.41 12.87
C SER B 363 6.31 -4.24 13.68
N ARG B 364 6.55 -5.56 13.75
CA ARG B 364 5.56 -6.46 14.34
C ARG B 364 5.32 -6.12 15.81
N THR B 365 6.39 -5.97 16.57
CA THR B 365 6.32 -5.47 17.94
C THR B 365 7.05 -4.14 17.93
N VAL B 366 6.49 -3.15 18.62
CA VAL B 366 7.04 -1.81 18.50
C VAL B 366 8.35 -1.76 19.30
N PHE B 367 9.21 -0.84 18.90
CA PHE B 367 10.52 -0.74 19.54
C PHE B 367 10.35 -0.48 21.03
N PRO B 368 11.12 -1.15 21.88
CA PRO B 368 10.82 -1.17 23.32
C PRO B 368 10.77 0.22 23.95
N GLY B 369 10.04 0.28 25.05
CA GLY B 369 9.65 1.50 25.72
C GLY B 369 8.46 2.16 25.05
N ASP B 370 7.56 2.72 25.87
CA ASP B 370 6.36 3.38 25.35
C ASP B 370 6.69 4.62 24.53
N GLN B 371 7.86 5.21 24.72
CA GLN B 371 8.21 6.44 24.02
C GLN B 371 8.23 6.24 22.51
N SER B 372 8.77 5.11 22.04
CA SER B 372 8.88 4.90 20.60
C SER B 372 7.50 4.76 19.96
N LEU B 373 6.60 3.99 20.56
CA LEU B 373 5.25 3.87 20.04
C LEU B 373 4.52 5.20 20.09
N LEU B 374 4.71 5.98 21.16
CA LEU B 374 4.08 7.28 21.24
C LEU B 374 4.56 8.19 20.10
N LYS B 375 5.88 8.20 19.85
CA LYS B 375 6.42 9.00 18.75
C LYS B 375 5.82 8.56 17.42
N SER B 376 5.77 7.25 17.18
CA SER B 376 5.26 6.74 15.91
C SER B 376 3.80 7.12 15.71
N ILE B 377 2.98 6.94 16.75
CA ILE B 377 1.56 7.26 16.63
C ILE B 377 1.37 8.75 16.44
N TYR B 378 2.18 9.58 17.11
CA TYR B 378 2.06 11.02 16.96
C TYR B 378 2.39 11.46 15.54
N LEU B 379 3.51 10.97 15.00
CA LEU B 379 3.87 11.37 13.64
C LEU B 379 2.87 10.85 12.61
N ALA B 380 2.39 9.61 12.79
CA ALA B 380 1.40 9.08 11.86
C ALA B 380 0.10 9.88 11.91
N THR B 381 -0.32 10.32 13.10
CA THR B 381 -1.52 11.13 13.21
C THR B 381 -1.31 12.51 12.58
N VAL B 382 -0.17 13.15 12.87
CA VAL B 382 0.09 14.51 12.38
C VAL B 382 0.20 14.55 10.86
N LYS B 383 0.87 13.56 10.25
CA LYS B 383 1.08 13.60 8.80
C LYS B 383 -0.25 13.66 8.05
N ILE B 384 -1.30 13.06 8.60
CA ILE B 384 -2.61 13.09 7.96
C ILE B 384 -3.41 14.32 8.40
N THR B 385 -3.43 14.58 9.72
CA THR B 385 -4.24 15.68 10.23
C THR B 385 -3.76 17.03 9.73
N SER B 386 -2.51 17.13 9.29
CA SER B 386 -2.07 18.36 8.66
C SER B 386 -2.73 18.60 7.31
N LYS B 387 -3.45 17.61 6.76
CA LYS B 387 -4.11 17.81 5.48
C LYS B 387 -5.59 17.45 5.46
N TRP B 388 -6.17 16.90 6.53
CA TRP B 388 -7.62 16.77 6.58
C TRP B 388 -8.24 17.70 7.61
N THR B 389 -7.69 18.91 7.71
CA THR B 389 -8.19 19.95 8.60
C THR B 389 -9.28 20.82 7.95
N MET B 390 -9.94 20.29 6.92
CA MET B 390 -10.92 21.03 6.13
C MET B 390 -12.32 20.94 6.73
N ARG B 391 -13.17 21.87 6.30
CA ARG B 391 -14.50 22.05 6.87
C ARG B 391 -15.44 20.91 6.49
N TYR B 392 -16.52 20.81 7.26
CA TYR B 392 -17.63 19.89 6.99
C TYR B 392 -18.64 20.54 6.04
N LYS B 393 -19.58 19.71 5.57
CA LYS B 393 -20.64 20.17 4.69
C LYS B 393 -21.94 20.29 5.48
N ASN B 394 -22.71 21.34 5.17
CA ASN B 394 -23.97 21.63 5.83
C ASN B 394 -23.82 21.73 7.35
N TRP B 395 -22.64 22.18 7.81
CA TRP B 395 -22.39 22.25 9.25
C TRP B 395 -23.27 23.31 9.92
N GLY B 396 -23.72 24.31 9.18
CA GLY B 396 -24.60 25.31 9.77
C GLY B 396 -25.91 24.71 10.26
N LEU B 397 -26.49 23.80 9.48
CA LEU B 397 -27.74 23.17 9.90
C LEU B 397 -27.55 22.30 11.14
N ILE B 398 -26.45 21.54 11.19
CA ILE B 398 -26.17 20.72 12.37
C ILE B 398 -25.97 21.61 13.60
N LEU B 399 -25.24 22.73 13.45
CA LEU B 399 -25.02 23.61 14.59
C LEU B 399 -26.33 24.26 15.03
N GLY B 400 -27.20 24.60 14.09
CA GLY B 400 -28.51 25.11 14.45
C GLY B 400 -29.34 24.10 15.20
N GLN B 401 -29.33 22.85 14.74
CA GLN B 401 -30.05 21.79 15.44
C GLN B 401 -29.49 21.56 16.83
N LEU B 402 -28.17 21.68 16.98
CA LEU B 402 -27.55 21.51 18.29
C LEU B 402 -27.91 22.64 19.24
N GLN B 403 -27.89 23.89 18.75
CA GLN B 403 -28.24 25.02 19.61
C GLN B 403 -29.73 25.02 19.93
N ILE B 404 -30.57 24.49 19.04
CA ILE B 404 -31.99 24.35 19.36
C ILE B 404 -32.19 23.24 20.40
N MET B 405 -31.46 22.14 20.25
CA MET B 405 -31.57 21.03 21.19
C MET B 405 -30.96 21.40 22.54
N PHE B 406 -29.78 21.98 22.52
CA PHE B 406 -29.07 22.44 23.71
C PHE B 406 -29.10 23.97 23.64
N GLU B 407 -30.10 24.57 24.28
CA GLU B 407 -30.31 26.01 24.17
C GLU B 407 -29.12 26.79 24.73
N GLY B 408 -28.88 26.67 26.03
CA GLY B 408 -27.76 27.37 26.64
C GLY B 408 -26.45 26.64 26.45
N ARG B 409 -26.43 25.70 25.50
CA ARG B 409 -25.28 24.83 25.25
C ARG B 409 -24.89 24.07 26.51
N ILE B 410 -25.89 23.76 27.33
CA ILE B 410 -25.76 23.18 28.68
C ILE B 410 -24.44 23.52 29.36
#